data_6JFX
#
_entry.id   6JFX
#
_cell.length_a   50.075
_cell.length_b   98.733
_cell.length_c   141.683
_cell.angle_alpha   90.00
_cell.angle_beta   90.00
_cell.angle_gamma   90.00
#
_symmetry.space_group_name_H-M   'P 2 21 21'
#
loop_
_entity.id
_entity.type
_entity.pdbx_description
1 polymer Pulullanase
2 branched alpha-D-glucopyranose-(1-4)-alpha-D-glucopyranose-(1-4)-alpha-D-glucopyranose
3 non-polymer GLYCEROL
4 non-polymer DI(HYDROXYETHYL)ETHER
5 non-polymer 'TRIETHYLENE GLYCOL'
6 non-polymer 2-AMINO-2-HYDROXYMETHYL-PROPANE-1,3-DIOL
7 non-polymer IMIDAZOLE
8 non-polymer 'CALCIUM ION'
9 non-polymer 'CHLORIDE ION'
10 water water
#
_entity_poly.entity_id   1
_entity_poly.type   'polypeptide(L)'
_entity_poly.pdbx_seq_one_letter_code
;MLSVQKEFHGTIDYGDVTVTGGISVFDAKFDELYVYDGDDLGAVYAPEETRFRLWAPTASEAFVVLYETEDGMPVKELPM
KRDVQGTWTLTVAEDCGGLFYTYRVKVGEQWNEAVDPYAKAVGVNGTKTAILDLRSTNPEGWENDQKPPLASPTDAVIYE
LHVRDLSIHPQSGIREKGKFLGLTEEGTRGPNGIPTGLDHITGLGVTHVQLLPIYDYSQESVDESRLDEPHYNWGYDPQN
YNVPEGSYSTDPHNPAARILELKRLIQKLHARGLRVIMDVVYNHVYDGYLIHFTKLVPGYYLRYKADRTFSDGTFCGNEC
ASERPIMRKYIIESILHWVREYHIDGFRFDLMGMIDIETMNEIRRRLDEIDPTILTIGEGWMMETVLPKELRANQDNAEK
LPGIGMFNDGMRDAVKGDIFIFDRKGFISGGDGFEDGVKRGVAGGINYGGQLRQFAVEPVQSVNYVECHDNHTLWDKIEL
STPGASDEERRAMHRLASAIVLTSQGIPFLHAGQEFMRTKGGVENSYKSPIEVNWLDWERCAAHQDDVSYMRSLIALRKA
HPAFRLKTADEIRAHLRFEAAPPHTVAFTLRDHAGGDPDRHLYVLYNANPGALSLELPALGPWEVRFGGEHVLALEAGAS
GEAAAAAPAAAGGPPAGGARLEVRGVGVVVLAVPR
;
_entity_poly.pdbx_strand_id   A
#
loop_
_chem_comp.id
_chem_comp.type
_chem_comp.name
_chem_comp.formula
CA non-polymer 'CALCIUM ION' 'Ca 2'
CL non-polymer 'CHLORIDE ION' 'Cl -1'
GLC D-saccharide, alpha linking alpha-D-glucopyranose 'C6 H12 O6'
GOL non-polymer GLYCEROL 'C3 H8 O3'
IMD non-polymer IMIDAZOLE 'C3 H5 N2 1'
PEG non-polymer DI(HYDROXYETHYL)ETHER 'C4 H10 O3'
PGE non-polymer 'TRIETHYLENE GLYCOL' 'C6 H14 O4'
TRS non-polymer 2-AMINO-2-HYDROXYMETHYL-PROPANE-1,3-DIOL 'C4 H12 N O3 1'
#
# COMPACT_ATOMS: atom_id res chain seq x y z
N HIS A 9 -11.71 -28.82 6.48
CA HIS A 9 -12.53 -27.62 6.41
C HIS A 9 -13.91 -27.82 7.08
N GLY A 10 -14.34 -29.07 7.21
CA GLY A 10 -15.55 -29.45 7.94
C GLY A 10 -16.87 -28.94 7.34
N THR A 11 -17.89 -28.91 8.20
CA THR A 11 -19.25 -28.52 7.81
C THR A 11 -19.49 -27.04 8.07
N ILE A 12 -20.17 -26.37 7.15
CA ILE A 12 -20.69 -25.03 7.40
C ILE A 12 -22.21 -25.14 7.49
N ASP A 13 -22.77 -24.69 8.60
CA ASP A 13 -24.21 -24.63 8.82
C ASP A 13 -24.62 -23.17 8.80
N TYR A 14 -25.51 -22.81 7.88
CA TYR A 14 -25.88 -21.42 7.69
C TYR A 14 -27.01 -20.96 8.61
N GLY A 15 -27.48 -21.82 9.51
CA GLY A 15 -28.41 -21.39 10.53
C GLY A 15 -29.80 -22.00 10.48
N ASP A 16 -30.47 -21.99 11.63
CA ASP A 16 -31.89 -22.33 11.74
C ASP A 16 -32.66 -21.06 11.39
N VAL A 17 -33.26 -21.01 10.18
CA VAL A 17 -33.82 -19.77 9.70
C VAL A 17 -34.98 -19.26 10.55
N THR A 18 -35.54 -20.09 11.43
CA THR A 18 -36.58 -19.60 12.31
C THR A 18 -36.04 -18.58 13.31
N VAL A 19 -34.74 -18.63 13.61
CA VAL A 19 -34.13 -17.60 14.45
C VAL A 19 -34.26 -16.22 13.83
N THR A 20 -34.27 -16.13 12.50
CA THR A 20 -34.31 -14.86 11.80
C THR A 20 -35.59 -14.71 11.01
N GLY A 21 -36.69 -15.22 11.54
CA GLY A 21 -37.99 -15.01 10.94
C GLY A 21 -38.16 -15.64 9.58
N GLY A 22 -37.40 -16.69 9.29
CA GLY A 22 -37.46 -17.31 7.99
C GLY A 22 -36.65 -16.62 6.92
N ILE A 23 -35.90 -15.58 7.28
CA ILE A 23 -35.07 -14.85 6.33
C ILE A 23 -33.66 -15.43 6.39
N SER A 24 -33.20 -15.97 5.26
CA SER A 24 -31.88 -16.60 5.16
C SER A 24 -30.77 -15.55 5.10
N VAL A 25 -29.60 -15.89 5.63
CA VAL A 25 -28.44 -15.00 5.55
C VAL A 25 -28.12 -14.63 4.11
N PHE A 26 -28.50 -15.46 3.14
CA PHE A 26 -28.25 -15.16 1.74
C PHE A 26 -29.36 -14.31 1.13
N ASP A 27 -30.41 -14.04 1.87
CA ASP A 27 -31.56 -13.33 1.33
C ASP A 27 -31.30 -11.83 1.26
N ALA A 28 -31.80 -11.20 0.19
CA ALA A 28 -31.60 -9.77 0.02
C ALA A 28 -32.20 -8.98 1.17
N LYS A 29 -33.33 -9.46 1.73
CA LYS A 29 -33.97 -8.77 2.85
C LYS A 29 -33.15 -8.85 4.12
N PHE A 30 -32.19 -9.79 4.23
CA PHE A 30 -31.38 -9.87 5.44
C PHE A 30 -30.62 -8.57 5.68
N ASP A 31 -30.16 -7.92 4.60
CA ASP A 31 -29.38 -6.68 4.73
C ASP A 31 -30.20 -5.54 5.31
N GLU A 32 -31.53 -5.67 5.33
CA GLU A 32 -32.40 -4.65 5.90
C GLU A 32 -32.69 -4.86 7.38
N LEU A 33 -32.43 -6.06 7.89
CA LEU A 33 -32.56 -6.35 9.32
C LEU A 33 -31.18 -6.36 9.95
N TYR A 34 -31.16 -6.23 11.28
CA TYR A 34 -29.91 -6.41 12.03
C TYR A 34 -28.81 -5.44 11.59
N VAL A 35 -29.16 -4.22 11.20
CA VAL A 35 -28.14 -3.22 10.81
C VAL A 35 -27.77 -2.48 12.09
N TYR A 36 -26.85 -3.07 12.84
CA TYR A 36 -26.39 -2.43 14.07
C TYR A 36 -25.55 -1.21 13.74
N ASP A 37 -25.88 -0.08 14.36
CA ASP A 37 -25.24 1.18 14.08
C ASP A 37 -24.34 1.65 15.22
N GLY A 38 -24.16 0.85 16.28
CA GLY A 38 -23.40 1.29 17.43
C GLY A 38 -21.89 1.24 17.21
N ASP A 39 -21.17 1.90 18.12
CA ASP A 39 -19.73 2.06 18.02
C ASP A 39 -18.96 1.09 18.91
N ASP A 40 -19.65 0.12 19.52
CA ASP A 40 -19.06 -0.65 20.61
C ASP A 40 -18.90 -2.14 20.28
N LEU A 41 -18.86 -2.51 19.01
CA LEU A 41 -18.56 -3.90 18.69
C LEU A 41 -17.16 -4.26 19.18
N GLY A 42 -17.03 -5.46 19.75
CA GLY A 42 -15.78 -5.91 20.32
C GLY A 42 -15.83 -5.85 21.84
N ALA A 43 -14.69 -5.59 22.47
CA ALA A 43 -14.60 -5.55 23.93
C ALA A 43 -14.13 -4.17 24.36
N VAL A 44 -14.74 -3.63 25.42
CA VAL A 44 -14.35 -2.35 25.98
C VAL A 44 -13.88 -2.63 27.41
N TYR A 45 -12.57 -2.54 27.63
CA TYR A 45 -11.98 -2.94 28.90
C TYR A 45 -11.81 -1.76 29.85
N ALA A 46 -12.10 -2.01 31.12
CA ALA A 46 -11.74 -1.13 32.22
C ALA A 46 -11.46 -2.02 33.41
N PRO A 47 -10.62 -1.58 34.35
CA PRO A 47 -10.48 -2.36 35.59
C PRO A 47 -11.83 -2.70 36.22
N GLU A 48 -12.78 -1.77 36.19
CA GLU A 48 -14.08 -1.99 36.81
C GLU A 48 -14.85 -3.13 36.14
N GLU A 49 -14.88 -3.14 34.81
CA GLU A 49 -15.70 -4.10 34.09
C GLU A 49 -15.25 -4.12 32.63
N THR A 50 -15.53 -5.23 31.95
CA THR A 50 -15.36 -5.35 30.51
C THR A 50 -16.72 -5.61 29.87
N ARG A 51 -17.06 -4.83 28.85
CA ARG A 51 -18.30 -5.02 28.11
C ARG A 51 -17.99 -5.61 26.74
N PHE A 52 -18.70 -6.67 26.39
CA PHE A 52 -18.55 -7.35 25.11
C PHE A 52 -19.79 -7.10 24.26
N ARG A 53 -19.60 -6.91 22.95
CA ARG A 53 -20.72 -6.92 22.04
C ARG A 53 -20.34 -7.63 20.74
N LEU A 54 -21.13 -8.62 20.38
CA LEU A 54 -20.89 -9.46 19.20
C LEU A 54 -22.11 -9.36 18.29
N TRP A 55 -21.87 -9.15 16.99
CA TRP A 55 -22.94 -9.21 15.99
C TRP A 55 -23.01 -10.64 15.48
N ALA A 56 -24.11 -11.33 15.78
CA ALA A 56 -24.28 -12.73 15.40
C ALA A 56 -25.77 -13.03 15.27
N PRO A 57 -26.42 -12.45 14.26
CA PRO A 57 -27.89 -12.53 14.22
C PRO A 57 -28.45 -13.91 13.92
N THR A 58 -27.68 -14.79 13.28
CA THR A 58 -28.19 -16.13 12.96
C THR A 58 -27.94 -17.14 14.08
N ALA A 59 -27.19 -16.76 15.11
CA ALA A 59 -26.91 -17.68 16.21
C ALA A 59 -28.13 -17.81 17.11
N SER A 60 -28.36 -19.01 17.65
CA SER A 60 -29.40 -19.17 18.65
C SER A 60 -28.89 -19.01 20.07
N GLU A 61 -27.58 -19.13 20.29
CA GLU A 61 -26.95 -18.88 21.58
C GLU A 61 -25.56 -18.32 21.33
N ALA A 62 -25.03 -17.62 22.34
CA ALA A 62 -23.69 -17.05 22.23
C ALA A 62 -23.07 -16.99 23.62
N PHE A 63 -21.77 -17.28 23.69
CA PHE A 63 -21.01 -17.36 24.93
C PHE A 63 -19.70 -16.62 24.77
N VAL A 64 -19.26 -15.97 25.85
CA VAL A 64 -17.87 -15.55 25.99
C VAL A 64 -17.12 -16.64 26.73
N VAL A 65 -16.03 -17.12 26.15
CA VAL A 65 -15.18 -18.14 26.76
C VAL A 65 -13.89 -17.46 27.20
N LEU A 66 -13.58 -17.53 28.48
CA LEU A 66 -12.42 -16.85 29.03
C LEU A 66 -11.29 -17.85 29.21
N TYR A 67 -10.08 -17.39 28.92
CA TYR A 67 -8.87 -18.18 29.09
C TYR A 67 -7.86 -17.37 29.88
N GLU A 68 -7.05 -18.05 30.68
CA GLU A 68 -6.00 -17.39 31.44
C GLU A 68 -4.67 -17.34 30.69
N THR A 69 -4.41 -18.28 29.77
CA THR A 69 -3.20 -18.28 28.97
C THR A 69 -3.55 -18.49 27.50
N GLU A 70 -2.68 -18.00 26.61
CA GLU A 70 -2.95 -18.08 25.17
C GLU A 70 -3.12 -19.52 24.70
N ASP A 71 -2.61 -20.50 25.46
CA ASP A 71 -2.60 -21.89 25.06
C ASP A 71 -3.39 -22.79 25.99
N GLY A 72 -4.11 -22.24 26.96
CA GLY A 72 -4.71 -23.02 28.01
C GLY A 72 -6.14 -23.46 27.69
N MET A 73 -6.76 -24.12 28.69
CA MET A 73 -8.13 -24.57 28.74
C MET A 73 -9.04 -23.45 29.23
N PRO A 74 -10.31 -23.45 28.83
CA PRO A 74 -11.23 -22.41 29.32
C PRO A 74 -11.32 -22.42 30.83
N VAL A 75 -11.24 -21.23 31.43
CA VAL A 75 -11.46 -21.11 32.87
C VAL A 75 -12.90 -20.71 33.20
N LYS A 76 -13.68 -20.30 32.21
CA LYS A 76 -15.06 -19.87 32.43
C LYS A 76 -15.70 -19.68 31.07
N GLU A 77 -17.01 -19.96 31.00
CA GLU A 77 -17.77 -19.59 29.82
C GLU A 77 -19.09 -18.98 30.29
N LEU A 78 -19.42 -17.82 29.75
CA LEU A 78 -20.54 -17.03 30.22
C LEU A 78 -21.52 -16.81 29.08
N PRO A 79 -22.80 -17.12 29.28
CA PRO A 79 -23.80 -16.85 28.24
C PRO A 79 -23.94 -15.36 28.01
N MET A 80 -24.05 -14.97 26.74
CA MET A 80 -24.39 -13.59 26.39
C MET A 80 -25.89 -13.44 26.25
N LYS A 81 -26.35 -12.19 26.30
CA LYS A 81 -27.76 -11.87 26.19
C LYS A 81 -28.04 -11.31 24.81
N ARG A 82 -29.09 -11.84 24.16
CA ARG A 82 -29.48 -11.28 22.87
C ARG A 82 -29.92 -9.83 23.05
N ASP A 83 -29.33 -8.94 22.26
CA ASP A 83 -29.59 -7.52 22.40
C ASP A 83 -30.19 -6.98 21.10
N VAL A 84 -29.92 -5.73 20.77
CA VAL A 84 -30.58 -5.11 19.63
C VAL A 84 -29.86 -5.46 18.34
N GLN A 85 -30.65 -5.55 17.25
CA GLN A 85 -30.17 -5.60 15.87
C GLN A 85 -29.18 -6.72 15.62
N GLY A 86 -29.53 -7.92 16.11
CA GLY A 86 -28.69 -9.08 15.89
C GLY A 86 -27.44 -9.16 16.73
N THR A 87 -27.28 -8.25 17.71
CA THR A 87 -26.10 -8.29 18.56
C THR A 87 -26.39 -9.06 19.85
N TRP A 88 -25.29 -9.49 20.50
CA TRP A 88 -25.28 -10.12 21.81
C TRP A 88 -24.36 -9.30 22.72
N THR A 89 -24.72 -9.20 24.00
CA THR A 89 -23.96 -8.39 24.94
C THR A 89 -23.65 -9.17 26.20
N LEU A 90 -22.59 -8.73 26.89
CA LEU A 90 -22.24 -9.25 28.19
C LEU A 90 -21.32 -8.23 28.86
N THR A 91 -21.53 -7.98 30.15
CA THR A 91 -20.52 -7.26 30.89
C THR A 91 -20.11 -8.10 32.09
N VAL A 92 -18.80 -8.19 32.29
CA VAL A 92 -18.19 -8.93 33.37
C VAL A 92 -17.74 -7.91 34.40
N ALA A 93 -18.31 -7.97 35.59
CA ALA A 93 -18.02 -6.98 36.63
C ALA A 93 -16.71 -7.27 37.36
N GLU A 94 -15.73 -7.85 36.66
CA GLU A 94 -14.43 -8.12 37.21
C GLU A 94 -13.36 -7.46 36.35
N ASP A 95 -12.16 -7.32 36.92
CA ASP A 95 -11.01 -6.85 36.16
C ASP A 95 -10.52 -8.00 35.29
N CYS A 96 -10.76 -7.90 33.98
CA CYS A 96 -10.41 -8.95 33.04
C CYS A 96 -9.05 -8.72 32.37
N GLY A 97 -8.28 -7.76 32.85
CA GLY A 97 -6.98 -7.49 32.26
C GLY A 97 -6.07 -8.70 32.31
N GLY A 98 -5.44 -9.04 31.19
CA GLY A 98 -4.55 -10.17 31.16
C GLY A 98 -5.19 -11.48 30.75
N LEU A 99 -6.51 -11.53 30.64
CA LEU A 99 -7.17 -12.74 30.18
C LEU A 99 -7.31 -12.74 28.67
N PHE A 100 -7.58 -13.91 28.13
CA PHE A 100 -7.91 -14.09 26.72
C PHE A 100 -9.36 -14.54 26.60
N TYR A 101 -9.96 -14.28 25.44
CA TYR A 101 -11.34 -14.71 25.26
C TYR A 101 -11.60 -15.05 23.80
N THR A 102 -12.64 -15.86 23.62
CA THR A 102 -13.25 -16.15 22.34
C THR A 102 -14.75 -16.07 22.52
N TYR A 103 -15.46 -16.05 21.41
CA TYR A 103 -16.91 -16.23 21.39
C TYR A 103 -17.20 -17.66 20.95
N ARG A 104 -18.19 -18.29 21.58
CA ARG A 104 -18.74 -19.55 21.11
C ARG A 104 -20.21 -19.35 20.78
N VAL A 105 -20.60 -19.73 19.56
CA VAL A 105 -21.97 -19.53 19.11
C VAL A 105 -22.52 -20.87 18.62
N LYS A 106 -23.84 -21.01 18.69
CA LYS A 106 -24.54 -22.13 18.10
C LYS A 106 -25.28 -21.60 16.88
N VAL A 107 -24.83 -22.00 15.69
CA VAL A 107 -25.49 -21.63 14.45
C VAL A 107 -26.01 -22.91 13.83
N GLY A 108 -27.33 -22.98 13.64
CA GLY A 108 -27.94 -24.26 13.30
C GLY A 108 -27.67 -25.26 14.41
N GLU A 109 -27.14 -26.43 14.03
CA GLU A 109 -26.74 -27.46 14.99
C GLU A 109 -25.25 -27.41 15.33
N GLN A 110 -24.51 -26.45 14.80
CA GLN A 110 -23.06 -26.36 14.95
CA GLN A 110 -23.07 -26.37 14.96
C GLN A 110 -22.72 -25.42 16.10
N TRP A 111 -21.72 -25.80 16.90
CA TRP A 111 -21.11 -24.90 17.87
C TRP A 111 -19.75 -24.48 17.30
N ASN A 112 -19.58 -23.17 17.06
CA ASN A 112 -18.34 -22.62 16.51
C ASN A 112 -17.70 -21.67 17.52
N GLU A 113 -16.38 -21.66 17.57
CA GLU A 113 -15.63 -20.80 18.47
C GLU A 113 -14.65 -19.94 17.67
N ALA A 114 -14.58 -18.65 17.98
CA ALA A 114 -13.80 -17.75 17.14
C ALA A 114 -13.29 -16.56 17.92
N VAL A 115 -12.14 -16.03 17.46
CA VAL A 115 -11.63 -14.75 17.93
CA VAL A 115 -11.66 -14.76 18.00
C VAL A 115 -12.63 -13.64 17.61
N ASP A 116 -12.60 -12.58 18.41
CA ASP A 116 -13.42 -11.41 18.12
C ASP A 116 -12.99 -10.80 16.79
N PRO A 117 -13.90 -10.62 15.82
CA PRO A 117 -13.50 -9.89 14.61
C PRO A 117 -12.99 -8.49 14.92
N TYR A 118 -13.45 -7.90 16.02
CA TYR A 118 -12.99 -6.58 16.46
C TYR A 118 -11.84 -6.66 17.46
N ALA A 119 -11.11 -7.77 17.51
CA ALA A 119 -9.94 -7.90 18.37
C ALA A 119 -8.95 -6.76 18.14
N LYS A 120 -8.53 -6.11 19.23
CA LYS A 120 -7.48 -5.10 19.17
C LYS A 120 -6.14 -5.62 19.69
N ALA A 121 -6.12 -6.82 20.25
CA ALA A 121 -4.93 -7.48 20.76
C ALA A 121 -5.20 -8.97 20.72
N VAL A 122 -4.16 -9.77 20.46
CA VAL A 122 -4.30 -11.21 20.35
C VAL A 122 -3.08 -11.89 20.95
N GLY A 123 -3.25 -13.18 21.29
CA GLY A 123 -2.14 -14.02 21.66
C GLY A 123 -1.32 -14.44 20.45
N VAL A 124 -0.26 -15.21 20.72
CA VAL A 124 0.61 -15.67 19.65
C VAL A 124 -0.21 -16.37 18.56
N ASN A 125 0.08 -16.06 17.30
CA ASN A 125 -0.62 -16.60 16.15
C ASN A 125 -2.10 -16.26 16.11
N GLY A 126 -2.56 -15.32 16.94
CA GLY A 126 -3.88 -14.73 16.81
C GLY A 126 -5.05 -15.68 16.95
N THR A 127 -4.93 -16.70 17.80
CA THR A 127 -5.99 -17.69 17.99
C THR A 127 -6.91 -17.37 19.17
N LYS A 128 -6.58 -16.38 19.99
CA LYS A 128 -7.45 -15.91 21.06
C LYS A 128 -7.35 -14.40 21.15
N THR A 129 -8.45 -13.77 21.55
CA THR A 129 -8.46 -12.33 21.75
C THR A 129 -7.80 -12.04 23.09
N ALA A 130 -6.98 -10.99 23.15
CA ALA A 130 -6.36 -10.61 24.40
C ALA A 130 -7.01 -9.35 24.94
N ILE A 131 -7.29 -9.33 26.23
CA ILE A 131 -7.91 -8.18 26.89
C ILE A 131 -6.82 -7.31 27.50
N LEU A 132 -6.74 -6.05 27.08
CA LEU A 132 -5.79 -5.15 27.72
C LEU A 132 -6.18 -3.71 27.49
N ASP A 133 -5.67 -2.85 28.36
CA ASP A 133 -5.85 -1.41 28.24
C ASP A 133 -4.89 -0.88 27.19
N LEU A 134 -5.41 -0.53 26.01
CA LEU A 134 -4.53 -0.07 24.93
C LEU A 134 -3.81 1.21 25.28
N ARG A 135 -4.29 1.96 26.28
CA ARG A 135 -3.57 3.16 26.68
C ARG A 135 -2.22 2.80 27.29
N SER A 136 -2.09 1.60 27.85
CA SER A 136 -0.80 1.15 28.36
C SER A 136 0.18 0.79 27.25
N THR A 137 -0.24 0.80 25.99
CA THR A 137 0.63 0.49 24.86
C THR A 137 1.16 1.75 24.18
N ASN A 138 0.83 2.92 24.69
CA ASN A 138 1.27 4.13 24.04
C ASN A 138 2.71 4.48 24.41
N PRO A 139 3.54 4.83 23.43
CA PRO A 139 4.90 5.26 23.75
C PRO A 139 4.90 6.60 24.46
N GLU A 140 6.01 6.90 25.14
CA GLU A 140 6.12 8.20 25.81
C GLU A 140 6.06 9.32 24.78
N GLY A 141 5.20 10.31 25.04
CA GLY A 141 5.03 11.43 24.13
C GLY A 141 4.07 11.19 22.98
N TRP A 142 3.43 10.02 22.93
CA TRP A 142 2.49 9.69 21.85
C TRP A 142 1.43 10.76 21.67
N GLU A 143 1.04 11.42 22.76
CA GLU A 143 0.05 12.50 22.71
C GLU A 143 0.49 13.63 21.81
N ASN A 144 1.78 13.88 21.71
CA ASN A 144 2.31 15.01 20.95
C ASN A 144 2.86 14.58 19.59
N ASP A 145 2.59 13.34 19.18
CA ASP A 145 2.95 12.90 17.85
C ASP A 145 2.29 13.82 16.82
N GLN A 146 3.08 14.38 15.92
CA GLN A 146 2.57 15.28 14.90
C GLN A 146 3.08 14.86 13.53
N LYS A 147 2.21 14.96 12.53
CA LYS A 147 2.52 14.50 11.18
C LYS A 147 3.33 15.54 10.42
N PRO A 148 4.31 15.13 9.62
CA PRO A 148 4.93 16.07 8.69
C PRO A 148 3.89 16.67 7.78
N PRO A 149 4.07 17.93 7.37
CA PRO A 149 3.06 18.57 6.51
C PRO A 149 3.03 17.93 5.13
N LEU A 150 1.85 17.96 4.51
CA LEU A 150 1.66 17.43 3.17
C LEU A 150 0.63 18.29 2.46
N ALA A 151 1.06 19.09 1.49
CA ALA A 151 0.16 20.06 0.84
C ALA A 151 -0.71 19.44 -0.24
N SER A 152 -0.30 18.30 -0.81
CA SER A 152 -0.98 17.70 -1.95
C SER A 152 -0.58 16.23 -2.01
N PRO A 153 -1.47 15.34 -2.45
CA PRO A 153 -1.03 13.98 -2.78
C PRO A 153 0.10 13.97 -3.79
N THR A 154 0.12 14.95 -4.71
CA THR A 154 1.18 15.01 -5.71
C THR A 154 2.53 15.39 -5.11
N ASP A 155 2.55 15.79 -3.83
CA ASP A 155 3.78 16.08 -3.11
C ASP A 155 4.36 14.86 -2.41
N ALA A 156 3.68 13.72 -2.46
CA ALA A 156 4.19 12.52 -1.82
C ALA A 156 5.22 11.85 -2.71
N VAL A 157 6.23 11.27 -2.09
CA VAL A 157 7.12 10.31 -2.76
C VAL A 157 7.07 9.04 -1.93
N ILE A 158 6.46 8.01 -2.48
CA ILE A 158 6.20 6.80 -1.72
C ILE A 158 7.34 5.81 -1.91
N TYR A 159 7.70 5.14 -0.83
CA TYR A 159 8.79 4.17 -0.78
C TYR A 159 8.21 2.87 -0.21
N GLU A 160 8.08 1.84 -1.05
CA GLU A 160 7.32 0.65 -0.66
C GLU A 160 8.26 -0.38 -0.04
N LEU A 161 7.95 -0.81 1.17
CA LEU A 161 8.93 -1.52 1.99
C LEU A 161 8.27 -2.64 2.80
N HIS A 162 8.94 -3.79 2.87
CA HIS A 162 8.55 -4.91 3.73
C HIS A 162 9.40 -4.86 5.00
N VAL A 163 8.75 -5.05 6.15
CA VAL A 163 9.43 -4.88 7.44
C VAL A 163 10.58 -5.87 7.60
N ARG A 164 10.42 -7.09 7.07
CA ARG A 164 11.50 -8.07 7.17
C ARG A 164 12.62 -7.76 6.18
N ASP A 165 12.26 -7.43 4.93
CA ASP A 165 13.26 -7.04 3.92
C ASP A 165 14.22 -5.98 4.44
N LEU A 166 13.67 -5.01 5.19
CA LEU A 166 14.42 -3.81 5.56
C LEU A 166 15.72 -4.15 6.26
N SER A 167 15.69 -5.11 7.19
CA SER A 167 16.78 -5.28 8.15
C SER A 167 17.39 -6.67 8.21
N ILE A 168 16.81 -7.66 7.52
CA ILE A 168 17.22 -9.05 7.76
C ILE A 168 18.53 -9.42 7.10
N HIS A 169 19.06 -8.61 6.20
CA HIS A 169 20.37 -8.92 5.63
C HIS A 169 21.43 -8.90 6.74
N PRO A 170 22.36 -9.85 6.74
CA PRO A 170 23.32 -9.96 7.86
C PRO A 170 24.21 -8.75 8.04
N GLN A 171 24.39 -7.92 7.01
CA GLN A 171 25.20 -6.73 7.11
C GLN A 171 24.38 -5.44 7.21
N SER A 172 23.10 -5.54 7.59
CA SER A 172 22.28 -4.34 7.68
C SER A 172 22.71 -3.41 8.81
N GLY A 173 23.50 -3.90 9.76
CA GLY A 173 23.88 -3.11 10.91
C GLY A 173 22.74 -2.79 11.86
N ILE A 174 21.59 -3.45 11.69
CA ILE A 174 20.39 -3.20 12.50
C ILE A 174 20.27 -4.32 13.53
N ARG A 175 19.99 -3.96 14.78
CA ARG A 175 19.93 -4.97 15.84
C ARG A 175 18.65 -5.80 15.76
N GLU A 176 17.49 -5.15 15.73
CA GLU A 176 16.23 -5.90 15.78
C GLU A 176 15.81 -6.28 14.35
N LYS A 177 16.59 -7.20 13.79
CA LYS A 177 16.41 -7.62 12.39
C LYS A 177 15.04 -8.27 12.19
N GLY A 178 14.32 -7.81 11.17
CA GLY A 178 13.02 -8.38 10.85
C GLY A 178 11.87 -7.81 11.64
N LYS A 179 12.09 -6.80 12.48
CA LYS A 179 11.10 -6.31 13.42
C LYS A 179 10.72 -4.87 13.13
N PHE A 180 9.53 -4.47 13.60
CA PHE A 180 9.15 -3.06 13.60
C PHE A 180 10.25 -2.18 14.16
N LEU A 181 10.82 -2.55 15.32
CA LEU A 181 11.83 -1.73 15.97
C LEU A 181 13.09 -1.56 15.14
N GLY A 182 13.33 -2.44 14.17
CA GLY A 182 14.51 -2.29 13.33
C GLY A 182 14.46 -1.04 12.49
N LEU A 183 13.27 -0.58 12.14
CA LEU A 183 13.09 0.66 11.40
C LEU A 183 13.08 1.89 12.32
N THR A 184 13.19 1.71 13.65
CA THR A 184 13.40 2.86 14.52
C THR A 184 14.87 3.16 14.78
N GLU A 185 15.77 2.26 14.39
CA GLU A 185 17.16 2.36 14.78
C GLU A 185 17.87 3.41 13.92
N GLU A 186 18.42 4.42 14.57
CA GLU A 186 19.09 5.51 13.89
C GLU A 186 20.60 5.30 13.95
N GLY A 187 21.30 5.86 12.97
CA GLY A 187 22.74 5.70 12.91
C GLY A 187 23.23 4.30 12.60
N THR A 188 22.41 3.49 11.92
CA THR A 188 22.87 2.15 11.55
C THR A 188 23.75 2.21 10.30
N ARG A 189 24.70 1.28 10.22
CA ARG A 189 25.71 1.31 9.17
C ARG A 189 25.87 -0.07 8.56
N GLY A 190 26.16 -0.10 7.27
CA GLY A 190 26.32 -1.34 6.55
C GLY A 190 27.73 -1.49 6.04
N PRO A 191 27.90 -2.27 4.96
CA PRO A 191 29.23 -2.43 4.36
C PRO A 191 29.85 -1.09 4.02
N ASN A 192 31.15 -0.96 4.29
CA ASN A 192 31.91 0.28 4.04
C ASN A 192 31.39 1.46 4.86
N GLY A 193 30.60 1.21 5.90
CA GLY A 193 30.08 2.28 6.71
C GLY A 193 28.94 3.09 6.12
N ILE A 194 28.28 2.60 5.06
CA ILE A 194 27.19 3.36 4.44
C ILE A 194 26.00 3.43 5.38
N PRO A 195 25.14 4.44 5.27
CA PRO A 195 23.91 4.44 6.06
C PRO A 195 22.99 3.32 5.58
N THR A 196 22.30 2.71 6.52
CA THR A 196 21.29 1.68 6.23
C THR A 196 20.00 2.05 6.94
N GLY A 197 18.96 1.27 6.69
CA GLY A 197 17.73 1.39 7.47
C GLY A 197 17.13 2.78 7.40
N LEU A 198 16.64 3.24 8.55
CA LEU A 198 15.95 4.53 8.64
C LEU A 198 16.80 5.67 8.08
N ASP A 199 18.09 5.70 8.43
CA ASP A 199 18.94 6.80 7.99
C ASP A 199 19.11 6.80 6.47
N HIS A 200 19.22 5.60 5.87
CA HIS A 200 19.23 5.52 4.41
C HIS A 200 17.94 6.09 3.82
N ILE A 201 16.80 5.72 4.39
CA ILE A 201 15.51 6.09 3.82
C ILE A 201 15.27 7.59 3.94
N THR A 202 15.49 8.16 5.14
CA THR A 202 15.32 9.61 5.27
C THR A 202 16.30 10.36 4.38
N GLY A 203 17.53 9.85 4.25
CA GLY A 203 18.51 10.51 3.39
C GLY A 203 18.13 10.54 1.92
N LEU A 204 17.20 9.67 1.49
CA LEU A 204 16.73 9.70 0.09
C LEU A 204 15.82 10.90 -0.18
N GLY A 205 15.13 11.38 0.82
CA GLY A 205 14.15 12.43 0.64
C GLY A 205 12.75 11.95 0.31
N VAL A 206 12.49 10.64 0.38
CA VAL A 206 11.10 10.19 0.21
C VAL A 206 10.26 10.75 1.34
N THR A 207 8.94 10.77 1.15
CA THR A 207 8.05 11.37 2.12
C THR A 207 7.16 10.38 2.85
N HIS A 208 6.87 9.22 2.25
CA HIS A 208 5.97 8.21 2.81
C HIS A 208 6.64 6.85 2.71
N VAL A 209 6.59 6.08 3.79
CA VAL A 209 6.96 4.67 3.75
C VAL A 209 5.66 3.88 3.67
N GLN A 210 5.49 3.11 2.61
CA GLN A 210 4.33 2.25 2.47
C GLN A 210 4.74 0.85 2.89
N LEU A 211 4.17 0.36 4.00
CA LEU A 211 4.58 -0.92 4.56
C LEU A 211 3.72 -2.06 4.03
N LEU A 212 4.37 -3.10 3.51
CA LEU A 212 3.63 -4.31 3.16
C LEU A 212 2.91 -4.84 4.40
N PRO A 213 1.88 -5.70 4.22
CA PRO A 213 0.98 -6.09 5.32
C PRO A 213 1.58 -6.13 6.74
N ILE A 214 1.16 -5.18 7.59
CA ILE A 214 1.57 -5.17 9.00
C ILE A 214 0.44 -5.54 9.93
N TYR A 215 -0.77 -5.75 9.41
CA TYR A 215 -1.83 -6.40 10.17
C TYR A 215 -1.45 -7.86 10.39
N ASP A 216 -2.22 -8.55 11.22
CA ASP A 216 -1.89 -9.94 11.57
C ASP A 216 -2.30 -10.87 10.43
N TYR A 217 -1.31 -11.47 9.78
CA TYR A 217 -1.59 -12.44 8.74
C TYR A 217 -1.36 -13.85 9.28
N SER A 218 -1.72 -14.85 8.48
CA SER A 218 -2.02 -16.17 9.04
C SER A 218 -0.78 -16.93 9.48
N GLN A 219 -0.99 -17.84 10.44
CA GLN A 219 0.08 -18.71 10.93
C GLN A 219 0.66 -19.58 9.82
N GLU A 220 -0.16 -19.93 8.81
CA GLU A 220 0.33 -20.74 7.70
C GLU A 220 1.37 -19.98 6.87
N SER A 221 1.35 -18.65 6.90
CA SER A 221 2.31 -17.84 6.18
C SER A 221 3.60 -17.71 6.97
N VAL A 222 3.51 -17.25 8.21
CA VAL A 222 4.63 -17.22 9.13
C VAL A 222 4.10 -17.72 10.47
N ASP A 223 4.72 -18.79 10.99
CA ASP A 223 4.36 -19.32 12.31
C ASP A 223 5.03 -18.48 13.38
N GLU A 224 4.24 -17.68 14.10
CA GLU A 224 4.83 -16.77 15.09
C GLU A 224 5.43 -17.48 16.28
N SER A 225 5.19 -18.79 16.42
CA SER A 225 5.80 -19.56 17.49
C SER A 225 7.10 -20.25 17.06
N ARG A 226 7.47 -20.17 15.78
CA ARG A 226 8.71 -20.78 15.29
C ARG A 226 9.62 -19.77 14.59
N LEU A 227 9.81 -18.60 15.20
CA LEU A 227 10.64 -17.57 14.60
C LEU A 227 12.13 -17.88 14.65
N ASP A 228 12.54 -18.95 15.34
CA ASP A 228 13.95 -19.33 15.34
C ASP A 228 14.31 -20.20 14.15
N GLU A 229 13.35 -20.50 13.27
CA GLU A 229 13.48 -21.22 12.00
C GLU A 229 13.32 -20.25 10.84
N PRO A 230 13.90 -20.54 9.68
CA PRO A 230 13.71 -19.65 8.52
C PRO A 230 12.24 -19.41 8.24
N HIS A 231 11.89 -18.17 7.90
CA HIS A 231 10.52 -17.80 7.61
C HIS A 231 10.53 -16.56 6.73
N TYR A 232 9.49 -16.43 5.91
CA TYR A 232 9.26 -15.23 5.12
C TYR A 232 7.90 -15.31 4.44
N ASN A 233 7.11 -14.23 4.52
CA ASN A 233 5.94 -14.10 3.66
C ASN A 233 5.60 -12.61 3.54
N TRP A 234 5.15 -12.20 2.35
CA TRP A 234 4.67 -10.83 2.17
C TRP A 234 3.53 -10.52 3.13
N GLY A 235 2.70 -11.52 3.43
CA GLY A 235 1.62 -11.36 4.37
C GLY A 235 0.24 -11.07 3.81
N TYR A 236 -0.01 -11.36 2.52
CA TYR A 236 -1.32 -11.08 1.92
C TYR A 236 -2.37 -12.13 2.26
N ASP A 237 -2.36 -12.64 3.50
CA ASP A 237 -3.27 -13.68 3.97
C ASP A 237 -3.85 -13.21 5.31
N PRO A 238 -4.85 -12.33 5.28
CA PRO A 238 -5.30 -11.68 6.52
C PRO A 238 -5.98 -12.65 7.48
N GLN A 239 -5.67 -12.47 8.77
CA GLN A 239 -6.35 -13.22 9.84
C GLN A 239 -7.01 -12.31 10.85
N ASN A 240 -6.32 -11.32 11.40
CA ASN A 240 -6.91 -10.34 12.31
C ASN A 240 -6.61 -8.94 11.79
N TYR A 241 -7.64 -8.26 11.29
CA TYR A 241 -7.48 -7.01 10.57
C TYR A 241 -7.07 -5.84 11.45
N ASN A 242 -7.36 -5.88 12.75
CA ASN A 242 -7.23 -4.72 13.61
C ASN A 242 -6.08 -4.84 14.61
N VAL A 243 -5.20 -5.81 14.42
CA VAL A 243 -4.06 -6.01 15.32
CA VAL A 243 -4.08 -6.12 15.32
C VAL A 243 -2.80 -6.20 14.48
N PRO A 244 -1.64 -5.78 14.97
CA PRO A 244 -0.42 -5.94 14.17
C PRO A 244 0.02 -7.40 14.03
N GLU A 245 0.85 -7.65 13.01
CA GLU A 245 1.47 -8.97 12.83
C GLU A 245 2.45 -9.28 13.95
N GLY A 246 2.33 -10.48 14.50
CA GLY A 246 3.12 -10.85 15.67
C GLY A 246 4.61 -11.04 15.37
N SER A 247 4.94 -11.57 14.19
CA SER A 247 6.35 -11.84 13.90
C SER A 247 7.19 -10.58 13.77
N TYR A 248 6.58 -9.41 13.62
CA TYR A 248 7.34 -8.18 13.56
C TYR A 248 7.59 -7.57 14.95
N SER A 249 7.16 -8.24 16.02
CA SER A 249 7.39 -7.75 17.37
C SER A 249 8.51 -8.55 18.04
N THR A 250 9.13 -7.93 19.07
CA THR A 250 10.20 -8.61 19.79
C THR A 250 9.68 -9.78 20.60
N ASP A 251 8.39 -9.83 20.88
CA ASP A 251 7.80 -10.92 21.66
C ASP A 251 6.39 -11.15 21.17
N PRO A 252 6.21 -12.09 20.24
CA PRO A 252 4.85 -12.41 19.75
C PRO A 252 3.92 -12.92 20.84
N HIS A 253 4.46 -13.41 21.97
CA HIS A 253 3.65 -13.95 23.05
C HIS A 253 3.11 -12.89 24.00
N ASN A 254 3.66 -11.67 23.97
CA ASN A 254 3.20 -10.59 24.82
C ASN A 254 2.23 -9.73 24.01
N PRO A 255 0.92 -9.79 24.27
CA PRO A 255 -0.04 -9.08 23.40
C PRO A 255 0.27 -7.59 23.22
N ALA A 256 0.85 -6.95 24.24
CA ALA A 256 1.11 -5.52 24.16
C ALA A 256 2.33 -5.18 23.30
N ALA A 257 3.24 -6.14 23.09
CA ALA A 257 4.54 -5.80 22.52
C ALA A 257 4.41 -5.32 21.07
N ARG A 258 3.70 -6.09 20.23
CA ARG A 258 3.55 -5.69 18.83
C ARG A 258 2.85 -4.34 18.69
N ILE A 259 1.93 -4.03 19.61
CA ILE A 259 1.21 -2.76 19.53
C ILE A 259 2.13 -1.60 19.88
N LEU A 260 2.77 -1.68 21.05
CA LEU A 260 3.70 -0.65 21.46
C LEU A 260 4.80 -0.46 20.42
N GLU A 261 5.34 -1.55 19.90
CA GLU A 261 6.48 -1.41 19.01
C GLU A 261 6.08 -0.81 17.66
N LEU A 262 4.89 -1.14 17.16
CA LEU A 262 4.42 -0.50 15.93
C LEU A 262 4.21 1.00 16.16
N LYS A 263 3.61 1.38 17.30
CA LYS A 263 3.47 2.78 17.63
C LYS A 263 4.82 3.48 17.73
N ARG A 264 5.81 2.81 18.35
CA ARG A 264 7.14 3.39 18.39
C ARG A 264 7.70 3.63 16.99
N LEU A 265 7.45 2.68 16.09
CA LEU A 265 7.85 2.86 14.69
CA LEU A 265 7.85 2.86 14.69
C LEU A 265 7.20 4.11 14.11
N ILE A 266 5.88 4.22 14.20
CA ILE A 266 5.18 5.33 13.56
CA ILE A 266 5.16 5.33 13.58
C ILE A 266 5.62 6.65 14.18
N GLN A 267 5.76 6.69 15.50
CA GLN A 267 6.22 7.92 16.15
C GLN A 267 7.60 8.33 15.64
N LYS A 268 8.52 7.38 15.52
CA LYS A 268 9.88 7.72 15.09
C LYS A 268 9.88 8.21 13.64
N LEU A 269 9.15 7.51 12.77
CA LEU A 269 9.05 7.96 11.39
C LEU A 269 8.49 9.38 11.31
N HIS A 270 7.43 9.67 12.07
CA HIS A 270 6.88 11.03 12.07
C HIS A 270 7.90 12.05 12.55
N ALA A 271 8.65 11.72 13.60
CA ALA A 271 9.66 12.64 14.11
C ALA A 271 10.77 12.89 13.10
N ARG A 272 11.07 11.91 12.25
CA ARG A 272 12.09 12.07 11.23
C ARG A 272 11.54 12.60 9.92
N GLY A 273 10.29 13.08 9.92
CA GLY A 273 9.71 13.70 8.75
C GLY A 273 9.09 12.76 7.74
N LEU A 274 8.79 11.51 8.10
CA LEU A 274 8.17 10.53 7.20
C LEU A 274 6.73 10.23 7.63
N ARG A 275 5.84 10.03 6.64
CA ARG A 275 4.51 9.52 6.88
C ARG A 275 4.45 8.02 6.54
N VAL A 276 3.42 7.34 7.05
CA VAL A 276 3.33 5.90 6.95
C VAL A 276 2.04 5.53 6.22
N ILE A 277 2.15 4.74 5.16
CA ILE A 277 1.01 4.17 4.46
C ILE A 277 0.93 2.69 4.76
N MET A 278 -0.27 2.21 5.09
CA MET A 278 -0.51 0.79 5.36
C MET A 278 -1.08 0.10 4.13
N ASP A 279 -0.43 -0.97 3.68
CA ASP A 279 -1.03 -1.87 2.69
C ASP A 279 -2.12 -2.69 3.37
N VAL A 280 -3.37 -2.55 2.94
CA VAL A 280 -4.50 -3.23 3.57
C VAL A 280 -5.20 -4.13 2.56
N VAL A 281 -5.72 -5.24 3.06
CA VAL A 281 -6.18 -6.34 2.21
C VAL A 281 -7.59 -6.72 2.64
N TYR A 282 -8.53 -5.79 2.51
CA TYR A 282 -9.91 -6.05 2.88
C TYR A 282 -10.67 -6.84 1.81
N ASN A 283 -10.01 -7.22 0.71
CA ASN A 283 -10.70 -7.93 -0.36
C ASN A 283 -10.84 -9.43 -0.11
N HIS A 284 -10.06 -10.02 0.80
CA HIS A 284 -10.16 -11.45 1.09
C HIS A 284 -9.53 -11.76 2.44
N VAL A 285 -9.79 -13.00 2.91
CA VAL A 285 -9.23 -13.50 4.16
C VAL A 285 -8.42 -14.75 3.86
N TYR A 286 -7.59 -15.14 4.84
CA TYR A 286 -6.64 -16.23 4.60
C TYR A 286 -7.35 -17.53 4.27
N ASP A 287 -8.49 -17.79 4.91
CA ASP A 287 -9.22 -19.03 4.63
C ASP A 287 -10.69 -18.78 4.93
N GLY A 288 -11.53 -18.86 3.90
CA GLY A 288 -12.92 -18.50 4.05
C GLY A 288 -13.73 -19.45 4.91
N TYR A 289 -13.22 -20.66 5.14
CA TYR A 289 -13.89 -21.62 5.99
C TYR A 289 -13.51 -21.49 7.46
N LEU A 290 -12.27 -21.09 7.75
CA LEU A 290 -11.78 -21.05 9.11
C LEU A 290 -11.85 -19.66 9.74
N ILE A 291 -12.05 -18.61 8.93
CA ILE A 291 -12.00 -17.26 9.46
C ILE A 291 -13.14 -17.04 10.47
N HIS A 292 -12.89 -16.18 11.46
CA HIS A 292 -13.89 -15.88 12.49
C HIS A 292 -15.23 -15.46 11.87
N PHE A 293 -15.21 -14.65 10.81
CA PHE A 293 -16.43 -14.21 10.12
C PHE A 293 -17.36 -15.37 9.84
N THR A 294 -16.81 -16.45 9.30
CA THR A 294 -17.59 -17.60 8.85
C THR A 294 -18.02 -18.47 10.02
N LYS A 295 -17.22 -18.54 11.07
CA LYS A 295 -17.63 -19.27 12.26
C LYS A 295 -18.74 -18.54 13.04
N LEU A 296 -18.72 -17.20 13.03
CA LEU A 296 -19.68 -16.43 13.81
C LEU A 296 -20.97 -16.13 13.07
N VAL A 297 -20.88 -15.73 11.80
CA VAL A 297 -22.06 -15.43 10.99
C VAL A 297 -21.84 -16.09 9.62
N PRO A 298 -21.93 -17.42 9.52
CA PRO A 298 -21.66 -18.06 8.22
C PRO A 298 -22.57 -17.54 7.12
N GLY A 299 -21.98 -17.28 5.96
CA GLY A 299 -22.69 -16.83 4.79
C GLY A 299 -22.87 -15.33 4.65
N TYR A 300 -22.42 -14.52 5.62
CA TYR A 300 -22.69 -13.09 5.54
C TYR A 300 -21.49 -12.28 5.01
N TYR A 301 -20.31 -12.44 5.62
CA TYR A 301 -19.21 -11.51 5.41
C TYR A 301 -18.43 -11.76 4.11
N LEU A 302 -18.59 -12.92 3.49
CA LEU A 302 -17.89 -13.24 2.25
C LEU A 302 -18.88 -13.34 1.09
N ARG A 303 -18.39 -13.16 -0.14
CA ARG A 303 -19.25 -13.13 -1.32
C ARG A 303 -19.53 -14.54 -1.83
N TYR A 304 -20.79 -14.83 -2.15
CA TYR A 304 -21.19 -16.12 -2.68
C TYR A 304 -21.79 -15.98 -4.07
N LYS A 305 -21.46 -16.93 -4.95
CA LYS A 305 -22.14 -17.04 -6.22
C LYS A 305 -23.58 -17.51 -6.00
N ALA A 306 -24.34 -17.56 -7.10
CA ALA A 306 -25.74 -17.98 -7.01
C ALA A 306 -25.88 -19.41 -6.49
N ASP A 307 -24.91 -20.27 -6.78
CA ASP A 307 -24.95 -21.67 -6.35
C ASP A 307 -24.39 -21.88 -4.94
N ARG A 308 -24.15 -20.79 -4.20
CA ARG A 308 -23.67 -20.79 -2.82
C ARG A 308 -22.25 -21.30 -2.67
N THR A 309 -21.42 -21.22 -3.71
CA THR A 309 -19.98 -21.34 -3.55
C THR A 309 -19.35 -19.94 -3.44
N PHE A 310 -18.13 -19.90 -2.91
CA PHE A 310 -17.39 -18.63 -2.82
C PHE A 310 -17.14 -18.04 -4.19
N SER A 311 -17.46 -16.76 -4.37
CA SER A 311 -16.87 -16.01 -5.47
C SER A 311 -15.36 -15.91 -5.27
N ASP A 312 -14.57 -16.24 -6.29
CA ASP A 312 -13.13 -16.27 -6.11
C ASP A 312 -12.42 -15.36 -7.12
N GLY A 313 -12.88 -14.12 -7.24
CA GLY A 313 -12.25 -13.20 -8.17
C GLY A 313 -10.85 -12.77 -7.76
N THR A 314 -10.53 -12.88 -6.48
CA THR A 314 -9.20 -12.53 -5.97
C THR A 314 -8.13 -13.55 -6.36
N PHE A 315 -8.55 -14.76 -6.78
CA PHE A 315 -7.67 -15.92 -6.93
C PHE A 315 -7.02 -16.34 -5.62
N CYS A 316 -7.60 -15.95 -4.49
CA CYS A 316 -7.10 -16.37 -3.18
C CYS A 316 -8.08 -17.28 -2.45
N GLY A 317 -9.20 -17.64 -3.07
CA GLY A 317 -10.17 -18.56 -2.50
C GLY A 317 -11.49 -17.90 -2.12
N ASN A 318 -11.49 -16.59 -1.88
CA ASN A 318 -12.69 -15.94 -1.36
C ASN A 318 -12.59 -14.45 -1.60
N GLU A 319 -13.72 -13.76 -1.42
CA GLU A 319 -13.82 -12.30 -1.51
C GLU A 319 -14.64 -11.82 -0.32
N CYS A 320 -14.23 -10.72 0.30
CA CYS A 320 -15.06 -10.10 1.32
C CYS A 320 -16.21 -9.36 0.67
N ALA A 321 -17.39 -9.48 1.28
CA ALA A 321 -18.61 -8.87 0.74
C ALA A 321 -18.73 -7.44 1.26
N SER A 322 -17.85 -6.58 0.73
CA SER A 322 -17.79 -5.20 1.20
C SER A 322 -19.11 -4.47 1.01
N GLU A 323 -19.92 -4.88 0.04
CA GLU A 323 -21.16 -4.18 -0.24
C GLU A 323 -22.27 -4.49 0.76
N ARG A 324 -22.07 -5.48 1.63
CA ARG A 324 -23.15 -5.68 2.61
C ARG A 324 -22.92 -4.77 3.82
N PRO A 325 -24.00 -4.23 4.41
CA PRO A 325 -23.84 -3.10 5.35
C PRO A 325 -22.93 -3.37 6.55
N ILE A 326 -23.02 -4.54 7.19
CA ILE A 326 -22.20 -4.81 8.37
C ILE A 326 -20.75 -5.04 7.99
N MET A 327 -20.48 -5.54 6.78
CA MET A 327 -19.08 -5.65 6.36
C MET A 327 -18.53 -4.29 5.93
N ARG A 328 -19.33 -3.49 5.23
CA ARG A 328 -18.91 -2.12 4.97
C ARG A 328 -18.57 -1.40 6.26
N LYS A 329 -19.41 -1.56 7.28
CA LYS A 329 -19.16 -0.98 8.59
C LYS A 329 -17.86 -1.52 9.19
N TYR A 330 -17.66 -2.83 9.11
CA TYR A 330 -16.45 -3.44 9.63
C TYR A 330 -15.22 -2.81 9.01
N ILE A 331 -15.22 -2.66 7.69
CA ILE A 331 -14.04 -2.17 6.99
C ILE A 331 -13.76 -0.73 7.36
N ILE A 332 -14.79 0.12 7.32
CA ILE A 332 -14.64 1.52 7.69
C ILE A 332 -14.12 1.64 9.12
N GLU A 333 -14.73 0.91 10.06
CA GLU A 333 -14.32 1.02 11.45
C GLU A 333 -12.90 0.49 11.66
N SER A 334 -12.51 -0.51 10.87
CA SER A 334 -11.14 -0.99 10.90
C SER A 334 -10.17 0.10 10.47
N ILE A 335 -10.43 0.72 9.32
CA ILE A 335 -9.58 1.79 8.83
CA ILE A 335 -9.58 1.80 8.82
C ILE A 335 -9.48 2.90 9.88
N LEU A 336 -10.62 3.31 10.44
CA LEU A 336 -10.61 4.36 11.45
C LEU A 336 -9.83 3.95 12.69
N HIS A 337 -9.81 2.65 13.01
CA HIS A 337 -9.01 2.20 14.15
C HIS A 337 -7.51 2.38 13.86
N TRP A 338 -7.07 2.06 12.65
CA TRP A 338 -5.66 2.28 12.32
C TRP A 338 -5.32 3.77 12.32
N VAL A 339 -6.23 4.62 11.84
CA VAL A 339 -5.99 6.06 11.86
C VAL A 339 -5.93 6.57 13.30
N ARG A 340 -6.93 6.21 14.11
CA ARG A 340 -7.07 6.80 15.44
C ARG A 340 -6.09 6.19 16.42
N GLU A 341 -6.00 4.85 16.42
CA GLU A 341 -5.16 4.21 17.42
C GLU A 341 -3.67 4.26 17.05
N TYR A 342 -3.33 4.12 15.77
CA TYR A 342 -1.93 4.04 15.38
C TYR A 342 -1.41 5.25 14.61
N HIS A 343 -2.25 6.25 14.35
CA HIS A 343 -1.81 7.50 13.71
C HIS A 343 -1.32 7.28 12.28
N ILE A 344 -1.86 6.26 11.60
CA ILE A 344 -1.49 5.95 10.21
C ILE A 344 -1.89 7.10 9.27
N ASP A 345 -1.06 7.33 8.23
CA ASP A 345 -1.21 8.47 7.34
C ASP A 345 -1.74 8.14 5.95
N GLY A 346 -2.08 6.89 5.68
CA GLY A 346 -2.49 6.52 4.34
C GLY A 346 -2.75 5.03 4.26
N PHE A 347 -3.47 4.65 3.20
CA PHE A 347 -3.81 3.26 2.95
C PHE A 347 -3.64 2.97 1.47
N ARG A 348 -3.06 1.82 1.19
CA ARG A 348 -2.98 1.27 -0.17
C ARG A 348 -3.88 0.06 -0.20
N PHE A 349 -4.91 0.10 -1.03
CA PHE A 349 -5.94 -0.94 -1.02
C PHE A 349 -5.56 -2.02 -2.05
N ASP A 350 -5.11 -3.15 -1.54
CA ASP A 350 -4.96 -4.36 -2.32
C ASP A 350 -6.24 -4.68 -3.08
N LEU A 351 -6.10 -5.04 -4.36
CA LEU A 351 -7.24 -5.43 -5.21
C LEU A 351 -8.47 -4.59 -4.93
N MET A 352 -8.29 -3.28 -5.09
CA MET A 352 -9.37 -2.34 -4.78
C MET A 352 -10.58 -2.56 -5.68
N GLY A 353 -10.37 -3.10 -6.89
CA GLY A 353 -11.49 -3.41 -7.78
C GLY A 353 -12.41 -4.51 -7.26
N MET A 354 -12.04 -5.17 -6.17
CA MET A 354 -12.90 -6.12 -5.45
C MET A 354 -13.76 -5.44 -4.39
N ILE A 355 -13.50 -4.17 -4.12
CA ILE A 355 -14.25 -3.40 -3.13
C ILE A 355 -15.25 -2.52 -3.87
N ASP A 356 -16.43 -2.35 -3.28
CA ASP A 356 -17.45 -1.58 -3.99
C ASP A 356 -17.23 -0.08 -3.82
N ILE A 357 -17.74 0.68 -4.79
CA ILE A 357 -17.50 2.12 -4.87
C ILE A 357 -18.10 2.85 -3.67
N GLU A 358 -19.30 2.46 -3.25
CA GLU A 358 -19.92 3.12 -2.09
C GLU A 358 -19.05 3.01 -0.86
N THR A 359 -18.49 1.82 -0.61
CA THR A 359 -17.59 1.65 0.53
C THR A 359 -16.35 2.53 0.40
N MET A 360 -15.71 2.53 -0.78
CA MET A 360 -14.50 3.32 -0.98
C MET A 360 -14.78 4.81 -0.81
N ASN A 361 -15.88 5.31 -1.36
CA ASN A 361 -16.18 6.74 -1.20
C ASN A 361 -16.53 7.09 0.24
N GLU A 362 -17.16 6.17 0.97
CA GLU A 362 -17.45 6.42 2.37
C GLU A 362 -16.18 6.44 3.20
N ILE A 363 -15.24 5.54 2.90
CA ILE A 363 -13.93 5.58 3.54
C ILE A 363 -13.27 6.95 3.32
N ARG A 364 -13.25 7.41 2.07
CA ARG A 364 -12.61 8.67 1.74
C ARG A 364 -13.28 9.84 2.46
N ARG A 365 -14.61 9.80 2.55
CA ARG A 365 -15.36 10.85 3.23
C ARG A 365 -15.07 10.86 4.73
N ARG A 366 -15.11 9.68 5.37
CA ARG A 366 -14.79 9.62 6.79
C ARG A 366 -13.36 10.06 7.07
N LEU A 367 -12.41 9.67 6.20
CA LEU A 367 -11.03 10.14 6.39
C LEU A 367 -10.92 11.64 6.21
N ASP A 368 -11.68 12.21 5.26
CA ASP A 368 -11.63 13.64 5.04
C ASP A 368 -12.15 14.41 6.24
N GLU A 369 -13.09 13.82 6.99
CA GLU A 369 -13.57 14.47 8.21
C GLU A 369 -12.48 14.55 9.26
N ILE A 370 -11.50 13.64 9.21
CA ILE A 370 -10.44 13.58 10.22
C ILE A 370 -9.23 14.37 9.77
N ASP A 371 -8.74 14.08 8.57
CA ASP A 371 -7.54 14.71 8.02
C ASP A 371 -7.49 14.40 6.52
N PRO A 372 -7.84 15.38 5.67
CA PRO A 372 -7.87 15.10 4.22
C PRO A 372 -6.51 14.82 3.62
N THR A 373 -5.40 15.08 4.34
CA THR A 373 -4.08 14.72 3.84
C THR A 373 -3.79 13.22 3.94
N ILE A 374 -4.63 12.45 4.64
CA ILE A 374 -4.46 11.01 4.69
C ILE A 374 -4.64 10.46 3.27
N LEU A 375 -3.68 9.65 2.82
CA LEU A 375 -3.70 9.19 1.44
C LEU A 375 -4.59 7.96 1.30
N THR A 376 -5.26 7.85 0.15
CA THR A 376 -5.92 6.62 -0.25
C THR A 376 -5.54 6.32 -1.68
N ILE A 377 -4.85 5.18 -1.89
CA ILE A 377 -4.51 4.71 -3.23
C ILE A 377 -4.85 3.22 -3.26
N GLY A 378 -4.91 2.66 -4.46
CA GLY A 378 -5.24 1.25 -4.53
C GLY A 378 -4.95 0.66 -5.88
N GLU A 379 -5.04 -0.68 -5.94
CA GLU A 379 -4.95 -1.41 -7.20
C GLU A 379 -6.33 -1.39 -7.84
N GLY A 380 -6.56 -0.50 -8.80
CA GLY A 380 -7.85 -0.45 -9.43
C GLY A 380 -7.98 -1.34 -10.66
N TRP A 381 -7.57 -2.61 -10.55
CA TRP A 381 -7.60 -3.49 -11.70
C TRP A 381 -9.02 -3.95 -12.00
N MET A 382 -9.30 -4.14 -13.29
CA MET A 382 -10.59 -4.64 -13.76
C MET A 382 -10.59 -6.16 -13.67
N MET A 383 -11.37 -6.71 -12.74
CA MET A 383 -11.31 -8.14 -12.47
C MET A 383 -12.73 -8.67 -12.23
N GLU A 384 -13.01 -9.86 -12.75
CA GLU A 384 -14.36 -10.41 -12.61
C GLU A 384 -14.63 -10.86 -11.17
N THR A 385 -15.88 -10.69 -10.76
CA THR A 385 -16.39 -11.05 -9.46
C THR A 385 -17.90 -11.07 -9.59
N VAL A 386 -18.59 -11.65 -8.59
CA VAL A 386 -20.04 -11.54 -8.56
C VAL A 386 -20.50 -10.11 -8.29
N LEU A 387 -19.63 -9.26 -7.74
CA LEU A 387 -19.97 -7.84 -7.58
C LEU A 387 -20.21 -7.23 -8.96
N PRO A 388 -21.37 -6.62 -9.22
CA PRO A 388 -21.63 -6.07 -10.57
C PRO A 388 -20.55 -5.09 -11.01
N LYS A 389 -20.30 -5.08 -12.32
CA LYS A 389 -19.22 -4.27 -12.88
C LYS A 389 -19.34 -2.79 -12.48
N GLU A 390 -20.54 -2.24 -12.52
CA GLU A 390 -20.66 -0.79 -12.26
C GLU A 390 -20.39 -0.42 -10.81
N LEU A 391 -20.21 -1.40 -9.92
CA LEU A 391 -19.92 -1.13 -8.51
C LEU A 391 -18.47 -1.37 -8.14
N ARG A 392 -17.65 -1.89 -9.06
CA ARG A 392 -16.26 -2.20 -8.75
C ARG A 392 -15.43 -0.93 -8.70
N ALA A 393 -14.64 -0.77 -7.63
CA ALA A 393 -13.83 0.44 -7.46
C ALA A 393 -12.51 0.29 -8.23
N ASN A 394 -12.62 0.40 -9.56
CA ASN A 394 -11.48 0.16 -10.45
C ASN A 394 -11.33 1.33 -11.43
N GLN A 395 -10.31 1.21 -12.31
CA GLN A 395 -9.97 2.29 -13.23
C GLN A 395 -11.16 2.66 -14.11
N ASP A 396 -11.91 1.67 -14.59
CA ASP A 396 -13.07 1.96 -15.43
C ASP A 396 -14.08 2.85 -14.73
N ASN A 397 -14.09 2.86 -13.40
CA ASN A 397 -15.02 3.67 -12.62
C ASN A 397 -14.34 4.83 -11.90
N ALA A 398 -13.13 5.22 -12.34
CA ALA A 398 -12.38 6.23 -11.60
C ALA A 398 -13.14 7.55 -11.48
N GLU A 399 -14.01 7.88 -12.43
CA GLU A 399 -14.75 9.15 -12.31
C GLU A 399 -15.70 9.15 -11.12
N LYS A 400 -16.10 7.98 -10.64
CA LYS A 400 -16.95 7.88 -9.46
C LYS A 400 -16.18 7.84 -8.16
N LEU A 401 -14.85 7.89 -8.22
CA LEU A 401 -13.98 7.72 -7.05
C LEU A 401 -13.04 8.93 -6.88
N PRO A 402 -13.58 10.13 -6.67
CA PRO A 402 -12.71 11.32 -6.58
C PRO A 402 -11.77 11.25 -5.39
N GLY A 403 -10.53 11.68 -5.60
CA GLY A 403 -9.57 11.71 -4.53
C GLY A 403 -8.81 10.42 -4.27
N ILE A 404 -9.12 9.35 -5.00
CA ILE A 404 -8.54 8.04 -4.74
C ILE A 404 -7.55 7.73 -5.86
N GLY A 405 -6.29 7.46 -5.49
CA GLY A 405 -5.27 7.18 -6.49
C GLY A 405 -5.25 5.71 -6.90
N MET A 406 -4.86 5.46 -8.14
CA MET A 406 -4.75 4.11 -8.67
C MET A 406 -3.42 3.93 -9.39
N PHE A 407 -2.81 2.76 -9.21
CA PHE A 407 -1.57 2.47 -9.90
C PHE A 407 -1.78 2.55 -11.41
N ASN A 408 -0.93 3.34 -12.09
CA ASN A 408 -1.02 3.52 -13.53
C ASN A 408 -0.20 2.42 -14.20
N ASP A 409 -0.86 1.30 -14.54
CA ASP A 409 -0.14 0.21 -15.21
C ASP A 409 0.16 0.51 -16.67
N GLY A 410 -0.63 1.38 -17.32
CA GLY A 410 -0.30 1.75 -18.69
C GLY A 410 1.03 2.46 -18.77
N MET A 411 1.27 3.38 -17.84
CA MET A 411 2.56 4.07 -17.78
CA MET A 411 2.56 4.07 -17.79
C MET A 411 3.69 3.11 -17.47
N ARG A 412 3.47 2.23 -16.50
CA ARG A 412 4.46 1.25 -16.08
C ARG A 412 4.94 0.41 -17.26
N ASP A 413 4.00 -0.17 -18.02
CA ASP A 413 4.37 -1.02 -19.16
C ASP A 413 5.00 -0.21 -20.30
N ALA A 414 4.51 1.02 -20.55
CA ALA A 414 5.10 1.82 -21.62
C ALA A 414 6.57 2.11 -21.34
N VAL A 415 6.91 2.36 -20.08
CA VAL A 415 8.28 2.76 -19.74
C VAL A 415 9.23 1.55 -19.82
N LYS A 416 8.92 0.48 -19.11
CA LYS A 416 9.89 -0.61 -18.97
C LYS A 416 9.53 -1.86 -19.78
N GLY A 417 8.42 -1.86 -20.51
CA GLY A 417 8.02 -3.04 -21.26
C GLY A 417 7.05 -3.90 -20.49
N ASP A 418 6.41 -4.82 -21.23
CA ASP A 418 5.31 -5.60 -20.65
C ASP A 418 5.81 -6.46 -19.49
N ILE A 419 5.14 -6.38 -18.34
CA ILE A 419 5.59 -7.15 -17.18
C ILE A 419 5.25 -8.64 -17.27
N PHE A 420 4.36 -9.02 -18.17
CA PHE A 420 3.99 -10.43 -18.30
C PHE A 420 4.68 -11.14 -19.45
N ILE A 421 5.27 -10.42 -20.40
CA ILE A 421 6.10 -11.01 -21.44
C ILE A 421 7.51 -10.51 -21.18
N PHE A 422 8.32 -11.34 -20.54
CA PHE A 422 9.52 -10.86 -19.86
C PHE A 422 10.51 -10.26 -20.86
N ASP A 423 10.59 -10.82 -22.06
CA ASP A 423 11.60 -10.41 -23.02
C ASP A 423 11.23 -9.14 -23.76
N ARG A 424 10.00 -8.64 -23.63
CA ARG A 424 9.55 -7.53 -24.47
C ARG A 424 10.11 -6.21 -23.99
N LYS A 425 10.69 -5.46 -24.91
CA LYS A 425 11.23 -4.15 -24.57
C LYS A 425 10.11 -3.13 -24.40
N GLY A 426 10.46 -2.00 -23.78
CA GLY A 426 9.59 -0.83 -23.71
C GLY A 426 10.34 0.41 -24.12
N PHE A 427 9.87 1.58 -23.68
CA PHE A 427 10.49 2.84 -24.09
C PHE A 427 11.96 2.87 -23.71
N ILE A 428 12.29 2.58 -22.46
CA ILE A 428 13.66 2.82 -22.01
C ILE A 428 14.64 1.89 -22.71
N SER A 429 14.19 0.71 -23.13
CA SER A 429 15.09 -0.31 -23.65
C SER A 429 15.12 -0.35 -25.17
N GLY A 430 14.61 0.70 -25.83
CA GLY A 430 14.69 0.80 -27.27
C GLY A 430 13.58 0.13 -28.05
N GLY A 431 12.45 -0.19 -27.42
CA GLY A 431 11.30 -0.66 -28.17
C GLY A 431 10.67 0.44 -29.00
N ASP A 432 9.90 0.03 -30.01
CA ASP A 432 9.27 0.95 -30.95
C ASP A 432 7.84 1.26 -30.52
N GLY A 433 7.45 2.53 -30.61
CA GLY A 433 6.06 2.88 -30.50
C GLY A 433 5.53 3.07 -29.09
N PHE A 434 6.40 3.26 -28.09
CA PHE A 434 5.99 3.44 -26.71
C PHE A 434 5.92 4.90 -26.29
N GLU A 435 6.18 5.83 -27.21
CA GLU A 435 6.28 7.24 -26.85
C GLU A 435 4.95 7.76 -26.31
N ASP A 436 3.85 7.45 -26.99
CA ASP A 436 2.56 7.98 -26.56
C ASP A 436 2.16 7.41 -25.21
N GLY A 437 2.54 6.16 -24.91
CA GLY A 437 2.26 5.59 -23.60
C GLY A 437 2.98 6.34 -22.50
N VAL A 438 4.23 6.72 -22.75
CA VAL A 438 4.97 7.52 -21.78
C VAL A 438 4.31 8.89 -21.63
N LYS A 439 3.94 9.52 -22.76
CA LYS A 439 3.30 10.84 -22.72
C LYS A 439 2.01 10.80 -21.90
N ARG A 440 1.21 9.74 -22.07
CA ARG A 440 -0.02 9.61 -21.28
C ARG A 440 0.27 9.62 -19.79
N GLY A 441 1.35 8.97 -19.37
CA GLY A 441 1.72 8.99 -17.96
C GLY A 441 2.32 10.31 -17.53
N VAL A 442 3.12 10.94 -18.39
CA VAL A 442 3.65 12.27 -18.09
C VAL A 442 2.51 13.22 -17.72
N ALA A 443 1.40 13.13 -18.43
CA ALA A 443 0.24 13.97 -18.19
C ALA A 443 -0.58 13.54 -16.96
N GLY A 444 -0.11 12.59 -16.15
CA GLY A 444 -0.87 12.19 -14.98
C GLY A 444 -2.07 11.30 -15.27
N GLY A 445 -2.11 10.68 -16.45
CA GLY A 445 -3.19 9.78 -16.79
C GLY A 445 -4.53 10.44 -17.06
N ILE A 446 -4.57 11.78 -17.14
CA ILE A 446 -5.81 12.51 -17.30
C ILE A 446 -6.25 12.47 -18.76
N ASN A 447 -7.42 13.03 -19.03
CA ASN A 447 -7.84 13.24 -20.42
C ASN A 447 -7.18 14.54 -20.87
N TYR A 448 -5.97 14.41 -21.40
CA TYR A 448 -5.18 15.58 -21.76
C TYR A 448 -5.61 16.14 -23.11
N GLY A 449 -5.81 15.27 -24.09
CA GLY A 449 -6.17 15.70 -25.43
C GLY A 449 -5.88 14.64 -26.47
N GLY A 450 -6.73 14.54 -27.49
CA GLY A 450 -6.54 13.54 -28.53
C GLY A 450 -6.47 12.13 -27.95
N GLN A 451 -5.52 11.36 -28.45
CA GLN A 451 -5.28 10.01 -27.95
C GLN A 451 -4.54 9.97 -26.61
N LEU A 452 -4.13 11.13 -26.07
CA LEU A 452 -3.41 11.18 -24.80
C LEU A 452 -4.44 11.28 -23.68
N ARG A 453 -4.97 10.12 -23.30
CA ARG A 453 -5.94 10.04 -22.21
C ARG A 453 -5.84 8.67 -21.58
N GLN A 454 -5.97 8.62 -20.25
CA GLN A 454 -6.17 7.36 -19.56
C GLN A 454 -7.39 7.49 -18.66
N PHE A 455 -7.37 6.86 -17.48
CA PHE A 455 -8.55 6.72 -16.65
C PHE A 455 -8.75 7.86 -15.66
N ALA A 456 -7.75 8.71 -15.43
CA ALA A 456 -7.84 9.69 -14.35
C ALA A 456 -8.65 10.92 -14.78
N VAL A 457 -9.51 11.39 -13.87
CA VAL A 457 -10.10 12.73 -14.02
C VAL A 457 -9.09 13.80 -13.61
N GLU A 458 -8.38 13.56 -12.51
CA GLU A 458 -7.43 14.47 -11.89
C GLU A 458 -6.13 13.73 -11.63
N PRO A 459 -4.98 14.43 -11.62
CA PRO A 459 -3.70 13.71 -11.48
C PRO A 459 -3.50 13.09 -10.11
N VAL A 460 -4.26 13.49 -9.10
CA VAL A 460 -4.17 12.81 -7.81
C VAL A 460 -4.70 11.39 -7.88
N GLN A 461 -5.29 10.99 -9.00
CA GLN A 461 -5.80 9.64 -9.17
C GLN A 461 -4.82 8.69 -9.84
N SER A 462 -3.61 9.15 -10.15
CA SER A 462 -2.64 8.35 -10.91
C SER A 462 -1.35 8.19 -10.10
N VAL A 463 -1.03 6.94 -9.78
CA VAL A 463 0.23 6.61 -9.09
C VAL A 463 1.20 6.05 -10.13
N ASN A 464 2.35 6.71 -10.30
CA ASN A 464 3.34 6.32 -11.28
C ASN A 464 4.43 5.45 -10.64
N TYR A 465 4.78 4.35 -11.31
CA TYR A 465 5.77 3.43 -10.78
C TYR A 465 6.31 2.55 -11.91
N VAL A 466 7.55 2.12 -11.75
CA VAL A 466 8.19 1.13 -12.64
C VAL A 466 8.68 -0.09 -11.87
N GLU A 467 8.42 -0.16 -10.57
CA GLU A 467 8.78 -1.31 -9.75
C GLU A 467 7.87 -1.33 -8.52
N CYS A 468 7.52 -2.53 -8.08
CA CYS A 468 6.86 -2.70 -6.79
C CYS A 468 7.13 -4.13 -6.34
N HIS A 469 6.53 -4.55 -5.21
CA HIS A 469 6.86 -5.88 -4.71
C HIS A 469 6.47 -6.97 -5.71
N ASP A 470 5.44 -6.72 -6.53
CA ASP A 470 4.97 -7.69 -7.53
C ASP A 470 5.84 -7.68 -8.78
N ASN A 471 5.95 -8.85 -9.40
CA ASN A 471 6.59 -9.03 -10.71
C ASN A 471 8.09 -8.73 -10.60
N HIS A 472 8.82 -8.84 -11.71
CA HIS A 472 10.26 -8.64 -11.66
C HIS A 472 10.57 -7.21 -11.21
N THR A 473 11.70 -7.03 -10.54
CA THR A 473 12.20 -5.69 -10.30
C THR A 473 12.50 -5.02 -11.65
N LEU A 474 12.63 -3.69 -11.61
CA LEU A 474 13.02 -2.95 -12.80
C LEU A 474 14.33 -3.49 -13.38
N TRP A 475 15.33 -3.67 -12.53
CA TRP A 475 16.59 -4.22 -13.02
C TRP A 475 16.40 -5.59 -13.66
N ASP A 476 15.62 -6.46 -13.02
CA ASP A 476 15.49 -7.82 -13.53
C ASP A 476 14.70 -7.85 -14.84
N LYS A 477 13.70 -6.98 -14.98
CA LYS A 477 12.97 -6.85 -16.24
C LYS A 477 13.84 -6.31 -17.36
N ILE A 478 14.66 -5.30 -17.06
CA ILE A 478 15.60 -4.78 -18.06
C ILE A 478 16.54 -5.88 -18.54
N GLU A 479 17.12 -6.62 -17.60
CA GLU A 479 18.04 -7.69 -17.99
C GLU A 479 17.37 -8.72 -18.90
N LEU A 480 16.13 -9.10 -18.59
CA LEU A 480 15.42 -10.10 -19.38
C LEU A 480 15.02 -9.59 -20.76
N SER A 481 14.96 -8.27 -20.94
CA SER A 481 14.53 -7.72 -22.22
C SER A 481 15.67 -7.07 -23.01
N THR A 482 16.90 -7.10 -22.50
CA THR A 482 18.03 -6.46 -23.19
C THR A 482 19.19 -7.44 -23.36
N PRO A 483 18.98 -8.54 -24.10
CA PRO A 483 20.04 -9.55 -24.20
C PRO A 483 21.34 -9.00 -24.79
N GLY A 484 21.29 -8.07 -25.73
CA GLY A 484 22.54 -7.57 -26.25
C GLY A 484 23.26 -6.49 -25.45
N ALA A 485 22.72 -6.06 -24.30
CA ALA A 485 23.21 -4.84 -23.65
C ALA A 485 24.25 -5.13 -22.59
N SER A 486 25.15 -4.16 -22.38
CA SER A 486 26.10 -4.17 -21.28
C SER A 486 25.41 -3.74 -19.98
N ASP A 487 26.04 -4.05 -18.85
CA ASP A 487 25.46 -3.61 -17.58
C ASP A 487 25.48 -2.08 -17.48
N GLU A 488 26.48 -1.43 -18.09
CA GLU A 488 26.49 0.03 -18.11
C GLU A 488 25.30 0.59 -18.89
N GLU A 489 24.98 0.00 -20.05
CA GLU A 489 23.82 0.44 -20.81
C GLU A 489 22.53 0.18 -20.03
N ARG A 490 22.45 -0.96 -19.35
CA ARG A 490 21.25 -1.29 -18.58
C ARG A 490 21.06 -0.32 -17.42
N ARG A 491 22.14 0.08 -16.75
CA ARG A 491 22.01 1.03 -15.65
C ARG A 491 21.47 2.37 -16.15
N ALA A 492 21.89 2.78 -17.35
CA ALA A 492 21.36 4.03 -17.91
C ALA A 492 19.86 3.94 -18.18
N MET A 493 19.39 2.79 -18.68
CA MET A 493 17.95 2.57 -18.87
C MET A 493 17.22 2.56 -17.54
N HIS A 494 17.80 1.93 -16.53
CA HIS A 494 17.20 1.90 -15.20
C HIS A 494 17.05 3.32 -14.65
N ARG A 495 18.12 4.11 -14.69
CA ARG A 495 18.06 5.50 -14.22
C ARG A 495 17.02 6.30 -14.99
N LEU A 496 16.90 6.08 -16.31
CA LEU A 496 15.89 6.80 -17.08
C LEU A 496 14.49 6.48 -16.59
N ALA A 497 14.20 5.19 -16.31
CA ALA A 497 12.86 4.84 -15.83
C ALA A 497 12.53 5.54 -14.52
N SER A 498 13.48 5.58 -13.59
CA SER A 498 13.24 6.29 -12.34
C SER A 498 12.99 7.77 -12.57
N ALA A 499 13.73 8.37 -13.51
CA ALA A 499 13.57 9.78 -13.80
C ALA A 499 12.20 10.08 -14.38
N ILE A 500 11.67 9.18 -15.22
CA ILE A 500 10.34 9.39 -15.79
C ILE A 500 9.29 9.40 -14.68
N VAL A 501 9.39 8.45 -13.74
CA VAL A 501 8.47 8.41 -12.60
C VAL A 501 8.50 9.73 -11.85
N LEU A 502 9.70 10.24 -11.55
CA LEU A 502 9.80 11.41 -10.69
C LEU A 502 9.55 12.72 -11.41
N THR A 503 9.44 12.72 -12.75
CA THR A 503 9.12 13.95 -13.47
C THR A 503 7.75 13.93 -14.15
N SER A 504 6.95 12.89 -13.89
CA SER A 504 5.60 12.81 -14.43
C SER A 504 4.60 13.40 -13.44
N GLN A 505 3.52 13.99 -13.97
CA GLN A 505 2.44 14.45 -13.12
C GLN A 505 1.79 13.26 -12.43
N GLY A 506 1.19 13.50 -11.27
CA GLY A 506 0.62 12.43 -10.46
C GLY A 506 1.41 12.15 -9.18
N ILE A 507 1.39 10.91 -8.71
CA ILE A 507 2.00 10.55 -7.43
C ILE A 507 3.13 9.55 -7.67
N PRO A 508 4.39 9.91 -7.41
CA PRO A 508 5.49 8.98 -7.70
C PRO A 508 5.64 7.94 -6.61
N PHE A 509 5.96 6.71 -7.04
CA PHE A 509 5.99 5.52 -6.20
C PHE A 509 7.26 4.75 -6.52
N LEU A 510 8.10 4.52 -5.50
CA LEU A 510 9.36 3.80 -5.65
C LEU A 510 9.32 2.54 -4.80
N HIS A 511 9.89 1.47 -5.33
CA HIS A 511 10.08 0.23 -4.58
C HIS A 511 11.37 0.31 -3.79
N ALA A 512 11.33 -0.09 -2.53
CA ALA A 512 12.55 -0.07 -1.72
C ALA A 512 13.66 -0.85 -2.42
N GLY A 513 14.82 -0.19 -2.60
CA GLY A 513 15.95 -0.80 -3.28
C GLY A 513 16.02 -0.49 -4.75
N GLN A 514 14.95 0.04 -5.34
CA GLN A 514 15.05 0.56 -6.70
C GLN A 514 16.22 1.52 -6.84
N GLU A 515 16.52 2.26 -5.76
CA GLU A 515 17.62 3.22 -5.80
C GLU A 515 18.98 2.57 -5.98
N PHE A 516 19.14 1.29 -5.61
CA PHE A 516 20.38 0.58 -5.91
C PHE A 516 20.13 -0.60 -6.86
N MET A 517 19.17 -0.44 -7.80
CA MET A 517 18.93 -1.41 -8.86
CA MET A 517 18.91 -1.40 -8.86
C MET A 517 18.66 -2.80 -8.28
N ARG A 518 17.79 -2.84 -7.28
CA ARG A 518 17.46 -4.08 -6.57
C ARG A 518 17.19 -5.23 -7.54
N THR A 519 17.79 -6.37 -7.27
CA THR A 519 17.57 -7.59 -8.05
C THR A 519 16.99 -8.66 -7.14
N LYS A 520 16.12 -9.51 -7.70
CA LYS A 520 15.69 -10.72 -7.03
C LYS A 520 16.24 -11.97 -7.72
N GLY A 521 17.35 -11.82 -8.44
CA GLY A 521 17.91 -12.92 -9.20
C GLY A 521 16.98 -13.48 -10.26
N GLY A 522 16.08 -12.66 -10.79
CA GLY A 522 15.13 -13.11 -11.80
C GLY A 522 13.84 -13.70 -11.27
N VAL A 523 13.64 -13.75 -9.95
CA VAL A 523 12.41 -14.31 -9.41
C VAL A 523 11.26 -13.33 -9.65
N GLU A 524 10.16 -13.84 -10.22
CA GLU A 524 9.03 -13.04 -10.68
C GLU A 524 8.02 -12.75 -9.57
N ASN A 525 7.75 -13.71 -8.69
CA ASN A 525 6.72 -13.54 -7.67
C ASN A 525 7.32 -14.06 -6.36
N SER A 526 7.92 -13.15 -5.58
CA SER A 526 8.79 -13.59 -4.49
C SER A 526 8.06 -13.71 -3.15
N TYR A 527 6.72 -13.83 -3.16
CA TYR A 527 5.90 -13.68 -1.96
C TYR A 527 6.30 -14.62 -0.82
N LYS A 528 6.80 -15.82 -1.13
CA LYS A 528 7.25 -16.71 -0.07
C LYS A 528 8.67 -17.22 -0.30
N SER A 529 9.43 -16.57 -1.18
CA SER A 529 10.82 -16.91 -1.39
C SER A 529 11.65 -16.59 -0.13
N PRO A 530 12.79 -17.25 0.05
CA PRO A 530 13.57 -17.04 1.29
C PRO A 530 14.13 -15.64 1.38
N ILE A 531 14.70 -15.32 2.55
CA ILE A 531 15.24 -13.98 2.78
C ILE A 531 16.36 -13.66 1.80
N GLU A 532 17.10 -14.67 1.34
CA GLU A 532 18.19 -14.40 0.41
C GLU A 532 17.69 -13.77 -0.89
N VAL A 533 16.45 -14.08 -1.26
CA VAL A 533 15.82 -13.46 -2.43
C VAL A 533 15.27 -12.08 -2.10
N ASN A 534 14.70 -11.93 -0.90
CA ASN A 534 13.82 -10.79 -0.62
C ASN A 534 14.49 -9.68 0.20
N TRP A 535 15.65 -9.91 0.78
CA TRP A 535 16.19 -8.88 1.67
C TRP A 535 16.62 -7.64 0.88
N LEU A 536 16.64 -6.50 1.58
CA LEU A 536 17.34 -5.33 1.07
C LEU A 536 18.83 -5.61 1.20
N ASP A 537 19.51 -5.68 0.05
CA ASP A 537 20.90 -6.12 0.02
C ASP A 537 21.79 -4.90 0.23
N TRP A 538 22.20 -4.69 1.49
CA TRP A 538 23.01 -3.52 1.80
C TRP A 538 24.41 -3.60 1.23
N GLU A 539 24.89 -4.80 0.86
CA GLU A 539 26.14 -4.91 0.09
C GLU A 539 25.97 -4.31 -1.30
N ARG A 540 24.89 -4.68 -1.99
CA ARG A 540 24.60 -4.08 -3.29
C ARG A 540 24.41 -2.57 -3.17
N CYS A 541 23.73 -2.14 -2.11
CA CYS A 541 23.56 -0.71 -1.85
C CYS A 541 24.91 -0.02 -1.72
N ALA A 542 25.84 -0.63 -0.98
CA ALA A 542 27.19 -0.07 -0.82
C ALA A 542 27.96 -0.03 -2.13
N ALA A 543 27.67 -0.93 -3.07
CA ALA A 543 28.30 -0.89 -4.37
C ALA A 543 27.59 0.03 -5.35
N HIS A 544 26.46 0.63 -4.95
CA HIS A 544 25.67 1.45 -5.87
C HIS A 544 25.41 2.84 -5.29
N GLN A 545 26.33 3.37 -4.49
CA GLN A 545 26.11 4.66 -3.84
C GLN A 545 25.95 5.79 -4.86
N ASP A 546 26.56 5.66 -6.04
CA ASP A 546 26.35 6.64 -7.10
C ASP A 546 24.91 6.61 -7.59
N ASP A 547 24.35 5.41 -7.76
CA ASP A 547 22.96 5.31 -8.19
C ASP A 547 22.01 5.79 -7.12
N VAL A 548 22.36 5.55 -5.84
CA VAL A 548 21.53 6.05 -4.75
C VAL A 548 21.56 7.58 -4.74
N SER A 549 22.73 8.17 -4.97
CA SER A 549 22.84 9.62 -5.04
C SER A 549 22.06 10.17 -6.23
N TYR A 550 22.07 9.45 -7.36
CA TYR A 550 21.26 9.87 -8.50
C TYR A 550 19.76 9.93 -8.13
N MET A 551 19.27 8.88 -7.46
CA MET A 551 17.86 8.87 -7.04
C MET A 551 17.56 10.00 -6.07
N ARG A 552 18.47 10.23 -5.12
CA ARG A 552 18.30 11.34 -4.19
C ARG A 552 18.22 12.67 -4.94
N SER A 553 19.03 12.83 -5.99
CA SER A 553 19.03 14.09 -6.75
C SER A 553 17.75 14.22 -7.59
N LEU A 554 17.23 13.11 -8.13
CA LEU A 554 15.95 13.16 -8.84
C LEU A 554 14.84 13.60 -7.90
N ILE A 555 14.81 13.03 -6.70
CA ILE A 555 13.78 13.37 -5.72
C ILE A 555 13.89 14.83 -5.33
N ALA A 556 15.13 15.32 -5.15
CA ALA A 556 15.34 16.74 -4.84
C ALA A 556 14.88 17.63 -6.00
N LEU A 557 15.12 17.19 -7.23
CA LEU A 557 14.65 17.95 -8.40
C LEU A 557 13.14 18.10 -8.38
N ARG A 558 12.41 17.02 -8.11
CA ARG A 558 10.95 17.15 -8.08
C ARG A 558 10.50 18.05 -6.93
N LYS A 559 11.17 17.96 -5.79
CA LYS A 559 10.81 18.82 -4.66
C LYS A 559 11.02 20.30 -5.00
N ALA A 560 12.09 20.62 -5.75
CA ALA A 560 12.38 22.01 -6.09
C ALA A 560 11.44 22.59 -7.13
N HIS A 561 10.68 21.77 -7.83
CA HIS A 561 9.86 22.24 -8.95
C HIS A 561 8.41 21.80 -8.81
N PRO A 562 7.55 22.65 -8.26
CA PRO A 562 6.12 22.32 -8.20
C PRO A 562 5.46 22.18 -9.57
N ALA A 563 6.14 22.57 -10.65
CA ALA A 563 5.61 22.31 -11.99
C ALA A 563 5.44 20.82 -12.25
N PHE A 564 6.25 19.97 -11.61
CA PHE A 564 6.12 18.52 -11.73
C PHE A 564 4.97 17.95 -10.90
N ARG A 565 4.30 18.78 -10.10
CA ARG A 565 3.40 18.32 -9.04
C ARG A 565 2.03 18.98 -9.13
N LEU A 566 1.60 19.32 -10.34
CA LEU A 566 0.35 20.06 -10.53
C LEU A 566 -0.83 19.29 -9.96
N LYS A 567 -1.71 20.01 -9.27
CA LYS A 567 -2.77 19.36 -8.52
C LYS A 567 -4.00 19.06 -9.35
N THR A 568 -4.22 19.76 -10.46
CA THR A 568 -5.44 19.56 -11.22
C THR A 568 -5.15 19.29 -12.69
N ALA A 569 -6.10 18.60 -13.32
CA ALA A 569 -6.04 18.37 -14.76
C ALA A 569 -6.10 19.68 -15.54
N ASP A 570 -6.87 20.66 -15.05
CA ASP A 570 -6.95 21.95 -15.76
C ASP A 570 -5.58 22.61 -15.85
N GLU A 571 -4.81 22.58 -14.76
CA GLU A 571 -3.45 23.10 -14.80
C GLU A 571 -2.58 22.34 -15.80
N ILE A 572 -2.69 21.01 -15.82
CA ILE A 572 -1.86 20.23 -16.74
C ILE A 572 -2.18 20.59 -18.18
N ARG A 573 -3.48 20.67 -18.51
CA ARG A 573 -3.85 21.02 -19.87
C ARG A 573 -3.43 22.45 -20.23
N ALA A 574 -3.33 23.35 -19.25
CA ALA A 574 -2.94 24.72 -19.55
C ALA A 574 -1.42 24.89 -19.62
N HIS A 575 -0.64 24.10 -18.89
CA HIS A 575 0.80 24.37 -18.76
C HIS A 575 1.70 23.31 -19.40
N LEU A 576 1.22 22.09 -19.61
CA LEU A 576 2.04 21.04 -20.21
C LEU A 576 1.86 21.03 -21.72
N ARG A 577 2.97 21.06 -22.45
CA ARG A 577 2.96 20.98 -23.91
C ARG A 577 3.95 19.92 -24.36
N PHE A 578 3.53 18.98 -25.19
CA PHE A 578 4.47 18.04 -25.75
C PHE A 578 5.12 18.64 -26.99
N GLU A 579 6.43 18.43 -27.12
CA GLU A 579 7.24 19.06 -28.14
C GLU A 579 7.64 18.03 -29.20
N ALA A 580 8.01 18.53 -30.37
CA ALA A 580 8.44 17.64 -31.45
C ALA A 580 9.71 16.92 -31.05
N ALA A 581 9.71 15.60 -31.17
CA ALA A 581 10.87 14.83 -30.76
C ALA A 581 10.91 13.53 -31.55
N PRO A 582 12.10 12.99 -31.81
CA PRO A 582 12.22 11.83 -32.71
C PRO A 582 11.80 10.54 -32.03
N PRO A 583 11.74 9.42 -32.76
CA PRO A 583 11.41 8.13 -32.12
C PRO A 583 12.42 7.79 -31.04
N HIS A 584 11.97 7.03 -30.06
CA HIS A 584 12.75 6.64 -28.88
C HIS A 584 13.12 7.84 -28.02
N THR A 585 12.39 8.95 -28.16
CA THR A 585 12.50 10.05 -27.21
C THR A 585 11.10 10.59 -26.93
N VAL A 586 10.98 11.28 -25.79
CA VAL A 586 9.83 12.11 -25.46
C VAL A 586 10.37 13.44 -24.96
N ALA A 587 9.75 14.54 -25.40
CA ALA A 587 10.15 15.87 -24.97
C ALA A 587 8.91 16.69 -24.64
N PHE A 588 8.98 17.46 -23.55
CA PHE A 588 7.84 18.29 -23.19
C PHE A 588 8.31 19.53 -22.45
N THR A 589 7.47 20.56 -22.46
CA THR A 589 7.70 21.74 -21.64
C THR A 589 6.60 21.89 -20.61
N LEU A 590 6.98 22.40 -19.44
CA LEU A 590 6.04 22.88 -18.44
C LEU A 590 6.19 24.40 -18.46
N ARG A 591 5.19 25.09 -19.00
CA ARG A 591 5.34 26.48 -19.36
C ARG A 591 4.74 27.40 -18.29
N ASP A 592 5.28 28.62 -18.22
CA ASP A 592 4.67 29.73 -17.48
C ASP A 592 4.49 29.41 -16.00
N HIS A 593 5.60 29.17 -15.32
CA HIS A 593 5.63 29.07 -13.85
C HIS A 593 4.58 28.10 -13.33
N ALA A 594 4.50 26.92 -13.97
CA ALA A 594 3.42 25.97 -13.67
C ALA A 594 3.43 25.61 -12.19
N GLY A 595 2.25 25.67 -11.56
CA GLY A 595 2.13 25.30 -10.15
C GLY A 595 2.90 26.17 -9.19
N GLY A 596 3.36 27.34 -9.62
CA GLY A 596 4.21 28.18 -8.79
C GLY A 596 5.69 27.90 -8.94
N ASP A 597 6.11 27.31 -10.05
CA ASP A 597 7.51 27.01 -10.23
C ASP A 597 8.32 28.30 -10.23
N PRO A 598 9.49 28.31 -9.60
CA PRO A 598 10.31 29.53 -9.63
C PRO A 598 10.80 29.90 -11.02
N ASP A 599 11.08 28.92 -11.88
CA ASP A 599 11.53 29.22 -13.23
C ASP A 599 10.34 29.50 -14.14
N ARG A 600 10.60 30.27 -15.20
CA ARG A 600 9.55 30.63 -16.15
C ARG A 600 9.07 29.42 -16.94
N HIS A 601 9.99 28.58 -17.43
CA HIS A 601 9.64 27.39 -18.19
C HIS A 601 10.60 26.27 -17.85
N LEU A 602 10.11 25.03 -17.95
CA LEU A 602 10.96 23.84 -17.90
C LEU A 602 10.85 23.10 -19.23
N TYR A 603 11.95 22.48 -19.65
CA TYR A 603 11.97 21.56 -20.78
C TYR A 603 12.53 20.24 -20.28
N VAL A 604 11.83 19.14 -20.59
CA VAL A 604 12.25 17.81 -20.14
C VAL A 604 12.40 16.92 -21.37
N LEU A 605 13.53 16.23 -21.47
CA LEU A 605 13.77 15.26 -22.53
C LEU A 605 13.99 13.89 -21.91
N TYR A 606 13.20 12.91 -22.32
CA TYR A 606 13.49 11.51 -22.01
C TYR A 606 14.16 10.94 -23.23
N ASN A 607 15.44 10.62 -23.13
CA ASN A 607 16.20 10.18 -24.30
C ASN A 607 16.53 8.70 -24.15
N ALA A 608 15.88 7.86 -24.94
CA ALA A 608 16.18 6.44 -24.97
C ALA A 608 17.05 6.06 -26.16
N ASN A 609 17.60 7.05 -26.85
CA ASN A 609 18.48 6.85 -28.01
C ASN A 609 19.93 6.92 -27.56
N PRO A 610 20.72 5.85 -27.69
CA PRO A 610 22.08 5.89 -27.14
C PRO A 610 23.05 6.74 -27.94
N GLY A 611 22.71 7.15 -29.16
CA GLY A 611 23.62 7.88 -30.02
C GLY A 611 23.56 9.38 -29.84
N ALA A 612 23.97 10.11 -30.88
CA ALA A 612 24.00 11.56 -30.85
C ALA A 612 22.78 12.12 -31.57
N LEU A 613 22.20 13.18 -31.01
CA LEU A 613 21.01 13.80 -31.53
C LEU A 613 21.15 15.32 -31.42
N SER A 614 20.64 16.02 -32.42
CA SER A 614 20.52 17.48 -32.39
C SER A 614 19.04 17.83 -32.43
N LEU A 615 18.54 18.46 -31.36
CA LEU A 615 17.11 18.68 -31.17
C LEU A 615 16.77 20.16 -31.26
N GLU A 616 15.65 20.46 -31.92
CA GLU A 616 15.06 21.78 -31.88
C GLU A 616 14.40 22.03 -30.54
N LEU A 617 14.70 23.17 -29.89
CA LEU A 617 14.01 23.55 -28.65
C LEU A 617 13.00 24.64 -28.91
N PRO A 618 11.90 24.69 -28.15
CA PRO A 618 11.00 25.85 -28.24
C PRO A 618 11.73 27.13 -27.85
N ALA A 619 11.48 28.19 -28.61
CA ALA A 619 12.19 29.46 -28.42
C ALA A 619 11.46 30.24 -27.32
N LEU A 620 11.71 29.83 -26.07
CA LEU A 620 10.99 30.38 -24.93
C LEU A 620 11.89 31.23 -24.05
N GLY A 621 13.16 31.44 -24.42
CA GLY A 621 14.06 32.24 -23.64
C GLY A 621 15.38 31.56 -23.42
N PRO A 622 16.23 32.14 -22.57
CA PRO A 622 17.59 31.61 -22.41
C PRO A 622 17.63 30.34 -21.57
N TRP A 623 17.46 29.21 -22.23
CA TRP A 623 17.53 27.90 -21.57
C TRP A 623 18.86 27.71 -20.86
N GLU A 624 18.81 27.05 -19.70
CA GLU A 624 20.04 26.61 -19.04
C GLU A 624 19.82 25.21 -18.48
N VAL A 625 20.91 24.45 -18.37
CA VAL A 625 20.81 23.08 -17.89
C VAL A 625 20.50 23.06 -16.40
N ARG A 626 19.53 22.24 -15.99
CA ARG A 626 19.30 21.99 -14.57
C ARG A 626 19.55 20.54 -14.15
N PHE A 627 19.50 19.58 -15.06
CA PHE A 627 19.68 18.18 -14.68
C PHE A 627 20.11 17.42 -15.93
N GLY A 628 20.98 16.43 -15.76
CA GLY A 628 21.43 15.66 -16.89
C GLY A 628 22.46 16.35 -17.76
N GLY A 629 23.20 17.32 -17.22
CA GLY A 629 24.23 18.00 -17.99
C GLY A 629 25.26 17.06 -18.58
N GLU A 630 25.44 15.88 -17.96
CA GLU A 630 26.37 14.88 -18.50
C GLU A 630 25.98 14.44 -19.90
N HIS A 631 24.72 14.58 -20.30
CA HIS A 631 24.30 14.22 -21.65
C HIS A 631 24.34 15.38 -22.64
N VAL A 632 24.61 16.60 -22.18
CA VAL A 632 24.45 17.80 -23.01
C VAL A 632 25.82 18.21 -23.55
N LEU A 633 25.99 18.13 -24.87
CA LEU A 633 27.21 18.63 -25.49
C LEU A 633 27.16 20.12 -25.70
N ALA A 634 25.98 20.67 -26.01
CA ALA A 634 25.87 22.09 -26.30
C ALA A 634 24.42 22.50 -26.12
N LEU A 635 24.24 23.79 -25.82
CA LEU A 635 22.92 24.36 -25.66
C LEU A 635 22.94 25.74 -26.26
N GLU A 636 22.14 25.95 -27.31
CA GLU A 636 22.05 27.23 -27.99
C GLU A 636 20.62 27.73 -27.88
N ALA A 637 20.44 28.94 -27.30
CA ALA A 637 19.09 29.46 -27.08
C ALA A 637 18.56 30.31 -28.21
N GLY A 638 19.38 30.61 -29.22
CA GLY A 638 18.92 31.46 -30.30
C GLY A 638 18.84 32.92 -29.90
N ALA A 639 17.90 33.63 -30.52
CA ALA A 639 17.70 35.06 -30.23
C ALA A 639 17.11 35.22 -28.83
N SER A 640 17.92 35.72 -27.90
CA SER A 640 17.50 35.96 -26.52
C SER A 640 18.47 36.93 -25.83
N GLY A 658 18.01 28.58 -34.67
CA GLY A 658 17.05 28.60 -33.58
C GLY A 658 17.62 28.04 -32.31
N ALA A 659 16.77 27.84 -31.30
CA ALA A 659 17.21 27.21 -30.06
C ALA A 659 17.41 25.72 -30.31
N ARG A 660 18.58 25.20 -29.91
CA ARG A 660 18.91 23.82 -30.24
C ARG A 660 19.69 23.17 -29.12
N LEU A 661 19.48 21.87 -28.96
CA LEU A 661 20.11 21.07 -27.90
C LEU A 661 20.89 19.93 -28.54
N GLU A 662 22.17 19.82 -28.20
CA GLU A 662 23.00 18.68 -28.64
C GLU A 662 23.15 17.70 -27.47
N VAL A 663 22.69 16.47 -27.65
CA VAL A 663 22.71 15.47 -26.59
C VAL A 663 23.34 14.19 -27.10
N ARG A 664 23.80 13.37 -26.16
CA ARG A 664 24.20 12.00 -26.45
C ARG A 664 23.88 11.13 -25.26
N GLY A 665 23.39 9.94 -25.53
CA GLY A 665 23.29 8.90 -24.52
C GLY A 665 21.91 8.84 -23.89
N VAL A 666 21.63 7.69 -23.29
CA VAL A 666 20.33 7.42 -22.69
C VAL A 666 20.23 8.11 -21.34
N GLY A 667 19.19 8.92 -21.16
CA GLY A 667 18.95 9.54 -19.87
C GLY A 667 18.06 10.75 -20.02
N VAL A 668 17.78 11.38 -18.88
CA VAL A 668 16.88 12.54 -18.82
C VAL A 668 17.71 13.80 -18.83
N VAL A 669 17.23 14.82 -19.54
CA VAL A 669 17.81 16.16 -19.47
C VAL A 669 16.69 17.12 -19.10
N VAL A 670 16.98 18.03 -18.16
CA VAL A 670 16.03 19.04 -17.75
C VAL A 670 16.69 20.41 -17.93
N LEU A 671 16.01 21.30 -18.65
CA LEU A 671 16.40 22.67 -18.87
C LEU A 671 15.36 23.60 -18.28
N ALA A 672 15.77 24.83 -17.99
CA ALA A 672 14.87 25.84 -17.46
C ALA A 672 15.18 27.18 -18.11
N VAL A 673 14.14 27.98 -18.32
CA VAL A 673 14.27 29.41 -18.54
C VAL A 673 14.08 30.10 -17.19
N PRO A 674 15.10 30.77 -16.64
CA PRO A 674 14.95 31.43 -15.35
C PRO A 674 13.96 32.58 -15.44
N ARG A 675 13.42 32.96 -14.27
CA ARG A 675 12.51 34.10 -14.24
C ARG A 675 13.23 35.36 -14.71
C1 GLC B . -3.69 -5.66 -15.29
C2 GLC B . -2.50 -4.99 -14.60
C3 GLC B . -1.65 -6.03 -13.87
C4 GLC B . -2.54 -6.74 -12.86
C5 GLC B . -3.72 -7.37 -13.59
C6 GLC B . -4.68 -8.02 -12.60
O1 GLC B . -3.26 -6.54 -16.34
O2 GLC B . -1.70 -4.27 -15.55
O3 GLC B . -0.58 -5.40 -13.19
O4 GLC B . -1.79 -7.76 -12.19
O5 GLC B . -4.44 -6.38 -14.32
O6 GLC B . -5.79 -8.55 -13.35
C1 GLC B . -1.47 -7.40 -10.83
C2 GLC B . -0.02 -7.79 -10.57
C3 GLC B . 0.10 -9.31 -10.57
C4 GLC B . -0.93 -9.93 -9.63
C5 GLC B . -2.31 -9.47 -10.08
C6 GLC B . -3.47 -10.14 -9.32
O2 GLC B . 0.83 -7.24 -11.59
O3 GLC B . 1.43 -9.72 -10.22
O4 GLC B . -0.83 -11.36 -9.71
O5 GLC B . -2.34 -8.05 -9.90
O6 GLC B . -3.22 -10.04 -7.92
C1 GLC B . -0.48 -11.93 -8.43
C2 GLC B . 0.78 -12.78 -8.55
C3 GLC B . 0.55 -13.86 -9.60
C4 GLC B . -0.71 -14.66 -9.30
C5 GLC B . -1.90 -13.74 -8.96
C6 GLC B . -3.08 -14.56 -8.45
O2 GLC B . 1.91 -12.01 -8.97
O3 GLC B . 1.69 -14.72 -9.65
O4 GLC B . -1.04 -15.45 -10.45
O5 GLC B . -1.53 -12.78 -7.97
O6 GLC B . -2.71 -15.93 -8.30
C1 GLC C . -2.30 -7.91 -5.10
C2 GLC C . -0.97 -7.94 -4.36
C3 GLC C . -0.30 -9.24 -4.71
C4 GLC C . -1.11 -10.35 -4.02
C5 GLC C . -2.57 -10.29 -4.47
C6 GLC C . -3.44 -11.08 -3.49
O1 GLC C . -2.12 -7.99 -6.53
O2 GLC C . -0.17 -6.79 -4.65
O3 GLC C . 1.06 -9.23 -4.31
O4 GLC C . -0.57 -11.64 -4.36
O5 GLC C . -3.13 -8.96 -4.56
O6 GLC C . -3.76 -10.27 -2.34
C1 GLC C . 0.46 -12.14 -3.48
C2 GLC C . 1.24 -13.18 -4.28
C3 GLC C . 0.32 -14.34 -4.64
C4 GLC C . -0.25 -14.94 -3.36
C5 GLC C . -0.97 -13.84 -2.59
C6 GLC C . -1.64 -14.36 -1.32
O2 GLC C . 1.78 -12.56 -5.47
O3 GLC C . 0.99 -15.34 -5.43
O4 GLC C . -1.20 -15.97 -3.65
O5 GLC C . -0.03 -12.78 -2.29
O6 GLC C . -0.63 -14.86 -0.42
C1 GLC C . -0.71 -17.24 -3.20
C2 GLC C . -0.88 -18.23 -4.36
C3 GLC C . -2.37 -18.41 -4.66
C4 GLC C . -3.05 -18.90 -3.40
C5 GLC C . -2.83 -17.92 -2.25
C6 GLC C . -3.46 -18.41 -0.95
O2 GLC C . -0.21 -17.75 -5.52
O3 GLC C . -2.57 -19.35 -5.71
O4 GLC C . -4.45 -19.07 -3.68
O5 GLC C . -1.42 -17.71 -2.04
O6 GLC C . -2.43 -18.92 -0.10
C1 GLC D . 31.68 11.29 -7.74
C2 GLC D . 30.73 10.66 -6.75
C3 GLC D . 29.38 10.30 -7.39
C4 GLC D . 28.80 11.44 -8.23
C5 GLC D . 29.86 12.19 -9.02
C6 GLC D . 29.28 13.52 -9.50
O1 GLC D . 32.03 10.36 -8.79
O2 GLC D . 31.31 9.49 -6.14
O3 GLC D . 28.47 9.97 -6.32
O4 GLC D . 27.81 11.00 -9.20
O5 GLC D . 31.05 12.45 -8.27
O6 GLC D . 29.90 13.91 -10.74
C1 GLC D . 26.55 10.57 -8.58
C2 GLC D . 25.59 10.13 -9.68
C3 GLC D . 25.24 11.31 -10.57
C4 GLC D . 24.56 12.37 -9.70
C5 GLC D . 25.52 12.76 -8.59
C6 GLC D . 24.87 13.73 -7.65
O2 GLC D . 26.18 9.11 -10.46
O3 GLC D . 24.37 10.87 -11.62
O4 GLC D . 24.27 13.53 -10.51
O5 GLC D . 25.92 11.62 -7.82
O6 GLC D . 23.76 13.05 -7.05
C1 GLC D . 22.86 13.73 -10.71
C2 GLC D . 22.63 14.03 -12.19
C3 GLC D . 23.25 15.38 -12.58
C4 GLC D . 22.74 16.48 -11.66
C5 GLC D . 22.98 16.10 -10.21
C6 GLC D . 22.32 17.13 -9.30
O2 GLC D . 23.23 12.97 -12.94
O3 GLC D . 22.91 15.68 -13.92
O4 GLC D . 23.37 17.73 -11.92
O5 GLC D . 22.37 14.82 -9.94
O6 GLC D . 22.58 16.74 -7.94
C1 GOL E . -17.60 12.28 -8.29
O1 GOL E . -17.32 13.53 -8.82
C2 GOL E . -18.97 11.86 -8.86
O2 GOL E . -18.90 11.50 -10.20
C3 GOL E . -19.43 10.68 -7.96
O3 GOL E . -20.49 10.06 -8.62
C1 GOL F . -21.56 -24.30 25.42
O1 GOL F . -20.27 -23.77 25.46
C2 GOL F . -21.46 -25.75 25.97
O2 GOL F . -22.00 -25.88 27.25
C3 GOL F . -22.19 -26.63 24.93
O3 GOL F . -21.29 -26.80 23.86
C1 PEG G . -27.06 -16.55 -3.07
O1 PEG G . -25.66 -16.34 -3.24
C2 PEG G . -27.26 -17.96 -2.53
O2 PEG G . -28.56 -18.42 -2.89
C3 PEG G . -28.97 -19.51 -2.07
C4 PEG G . -30.49 -19.44 -1.91
O4 PEG G . -30.88 -18.07 -1.81
C1 PEG H . -11.53 17.94 -20.55
O1 PEG H . -12.57 16.95 -20.43
C2 PEG H . -10.40 17.35 -21.39
O2 PEG H . -10.44 17.84 -22.72
C3 PEG H . -9.53 17.12 -23.56
C4 PEG H . -9.52 17.75 -24.94
O4 PEG H . -8.87 19.02 -24.84
C1 PEG I . 26.16 24.52 -21.76
O1 PEG I . 25.68 24.23 -20.43
C2 PEG I . 26.80 23.27 -22.35
O2 PEG I . 27.85 22.82 -21.50
C3 PEG I . 28.39 21.56 -21.92
C4 PEG I . 28.62 20.68 -20.69
O4 PEG I . 27.36 20.34 -20.07
C1 PGE J . -18.43 -14.47 36.78
O1 PGE J . -18.09 -15.78 37.20
C2 PGE J . -17.30 -13.88 35.96
O2 PGE J . -16.08 -13.96 36.68
C3 PGE J . -14.99 -13.33 36.03
C4 PGE J . -14.06 -14.38 35.47
O4 PGE J . -11.96 -17.38 36.70
C6 PGE J . -11.96 -16.31 35.77
C5 PGE J . -12.05 -15.00 36.52
O3 PGE J . -12.72 -14.03 35.73
C TRS K . -32.60 -28.66 18.09
C1 TRS K . -32.30 -27.97 19.41
C2 TRS K . -32.97 -27.61 17.04
C3 TRS K . -33.75 -29.64 18.23
N TRS K . -31.41 -29.38 17.65
O1 TRS K . -31.45 -28.80 20.20
O2 TRS K . -33.46 -28.27 15.88
O3 TRS K . -34.95 -28.91 18.22
C TRS L . -9.30 14.60 -1.21
C1 TRS L . -9.66 15.91 -1.91
C2 TRS L . -8.71 14.92 0.15
C3 TRS L . -8.29 13.85 -2.07
N TRS L . -10.54 13.81 -1.01
O1 TRS L . -9.76 16.91 -0.93
O2 TRS L . -8.57 13.73 0.91
O3 TRS L . -7.91 12.61 -1.51
N1 IMD M . 7.48 18.22 11.55
C2 IMD M . 6.74 17.43 12.36
N3 IMD M . 7.39 16.25 12.53
C4 IMD M . 8.53 16.30 11.81
C5 IMD M . 8.59 17.54 11.19
CA CA N . 0.37 -13.66 12.21
CL CL O . -10.83 -19.74 0.97
CL CL P . -5.63 3.50 -19.08
CL CL Q . -14.22 -4.91 -14.34
CL CL R . 22.89 9.88 7.48
CL CL S . -10.86 -17.54 15.03
CL CL T . 16.73 23.06 -10.63
CL CL U . 11.23 -12.67 13.16
#